data_1VBF
#
_entry.id   1VBF
#
_cell.length_a   277.803
_cell.length_b   277.803
_cell.length_c   277.803
_cell.angle_alpha   90.00
_cell.angle_beta   90.00
_cell.angle_gamma   90.00
#
_symmetry.space_group_name_H-M   'F 2 3'
#
loop_
_entity.id
_entity.type
_entity.pdbx_description
1 polymer '231aa long hypothetical protein-L-isoaspartate O-methyltransferase'
2 water water
#
_entity_poly.entity_id   1
_entity_poly.type   'polypeptide(L)'
_entity_poly.pdbx_seq_one_letter_code
;ASEKEEILRKIKTQELAEAFNKVDRSLFLPENLKDYAYAHTHEALPILPGINTTALNLGIF(MSE)LDELDLHKGQKVLE
IGTGIGYYTALIAEIVDKVVSVEINEK(MSE)YNYASKLLSYYNNIKLILGDGTLGYEEEKPYDRVVVWATAPTLLCKPY
EQLKEGGI(MSE)ILPIGVGRVQKLYKVIKKGNSPSLENLGEV(MSE)FGRIGGLYGFYDDYDDIEFRVNKLERQIKSIL
DNLVKKT
;
_entity_poly.pdbx_strand_id   A,B,C,D
#
# COMPACT_ATOMS: atom_id res chain seq x y z
N ALA A 1 -56.47 -15.18 -9.01
CA ALA A 1 -56.00 -15.57 -7.65
C ALA A 1 -56.17 -14.43 -6.65
N SER A 2 -55.93 -14.76 -5.38
CA SER A 2 -56.04 -13.83 -4.26
C SER A 2 -54.83 -12.90 -4.29
N GLU A 3 -55.06 -11.59 -4.07
CA GLU A 3 -53.94 -10.65 -4.05
C GLU A 3 -52.88 -11.12 -3.08
N LYS A 4 -53.32 -11.60 -1.91
CA LYS A 4 -52.39 -12.12 -0.91
C LYS A 4 -51.63 -13.31 -1.51
N GLU A 5 -52.35 -14.11 -2.28
CA GLU A 5 -51.78 -15.30 -2.92
C GLU A 5 -50.78 -14.96 -4.01
N GLU A 6 -51.10 -13.95 -4.81
CA GLU A 6 -50.22 -13.53 -5.89
C GLU A 6 -48.85 -13.13 -5.36
N ILE A 7 -48.83 -12.41 -4.24
CA ILE A 7 -47.58 -11.99 -3.63
C ILE A 7 -46.83 -13.19 -3.09
N LEU A 8 -47.56 -14.10 -2.44
CA LEU A 8 -46.99 -15.31 -1.86
C LEU A 8 -46.26 -16.17 -2.88
N ARG A 9 -46.82 -16.26 -4.09
CA ARG A 9 -46.24 -17.08 -5.15
C ARG A 9 -44.88 -16.56 -5.60
N LYS A 10 -44.70 -15.25 -5.54
CA LYS A 10 -43.45 -14.64 -5.97
C LYS A 10 -42.28 -14.77 -4.99
N ILE A 11 -42.60 -14.84 -3.71
CA ILE A 11 -41.61 -14.95 -2.64
C ILE A 11 -40.67 -16.10 -2.91
N LYS A 12 -39.37 -15.82 -2.96
CA LYS A 12 -38.39 -16.85 -3.22
C LYS A 12 -37.77 -17.37 -1.92
N THR A 13 -37.80 -16.54 -0.89
CA THR A 13 -37.24 -16.88 0.41
C THR A 13 -38.24 -17.67 1.25
N GLN A 14 -38.02 -18.98 1.30
CA GLN A 14 -38.89 -19.88 2.03
C GLN A 14 -39.36 -19.36 3.38
N GLU A 15 -38.41 -18.91 4.21
CA GLU A 15 -38.76 -18.41 5.52
C GLU A 15 -39.68 -17.19 5.44
N LEU A 16 -39.44 -16.34 4.45
CA LEU A 16 -40.24 -15.13 4.26
C LEU A 16 -41.67 -15.55 3.91
N ALA A 17 -41.78 -16.59 3.09
CA ALA A 17 -43.05 -17.13 2.69
C ALA A 17 -43.83 -17.60 3.93
N GLU A 18 -43.13 -18.31 4.82
CA GLU A 18 -43.77 -18.82 6.03
C GLU A 18 -44.22 -17.70 6.96
N ALA A 19 -43.35 -16.69 7.11
CA ALA A 19 -43.65 -15.57 7.96
C ALA A 19 -44.83 -14.78 7.41
N PHE A 20 -44.77 -14.47 6.12
CA PHE A 20 -45.84 -13.72 5.47
C PHE A 20 -47.17 -14.39 5.67
N ASN A 21 -47.13 -15.71 5.75
CA ASN A 21 -48.32 -16.52 5.91
C ASN A 21 -48.92 -16.52 7.29
N LYS A 22 -48.11 -16.28 8.32
CA LYS A 22 -48.67 -16.30 9.67
C LYS A 22 -48.77 -14.94 10.37
N VAL A 23 -48.06 -13.92 9.89
CA VAL A 23 -48.14 -12.60 10.53
C VAL A 23 -49.32 -11.83 9.97
N ASP A 24 -50.21 -11.40 10.86
CA ASP A 24 -51.42 -10.69 10.47
C ASP A 24 -51.21 -9.21 10.28
N ARG A 25 -51.18 -8.79 9.03
CA ARG A 25 -50.93 -7.41 8.71
C ARG A 25 -52.07 -6.52 9.18
N SER A 26 -53.26 -7.07 9.36
CA SER A 26 -54.36 -6.20 9.77
C SER A 26 -54.30 -5.70 11.20
N LEU A 27 -53.40 -6.26 11.99
CA LEU A 27 -53.25 -5.85 13.38
C LEU A 27 -52.42 -4.57 13.46
N PHE A 28 -51.42 -4.49 12.58
CA PHE A 28 -50.54 -3.33 12.51
C PHE A 28 -51.21 -2.12 11.86
N LEU A 29 -52.28 -2.35 11.11
CA LEU A 29 -52.98 -1.28 10.44
C LEU A 29 -54.10 -0.66 11.25
N PRO A 30 -54.31 0.65 11.12
CA PRO A 30 -55.36 1.34 11.84
C PRO A 30 -56.74 0.89 11.39
N GLU A 31 -57.74 1.21 12.22
CA GLU A 31 -59.13 0.88 11.96
C GLU A 31 -59.51 1.28 10.53
N ASN A 32 -59.27 2.54 10.22
CA ASN A 32 -59.58 3.11 8.91
C ASN A 32 -58.85 2.45 7.74
N LEU A 33 -57.89 1.59 8.02
CA LEU A 33 -57.15 0.97 6.92
C LEU A 33 -57.12 -0.55 6.89
N LYS A 34 -57.89 -1.21 7.74
CA LYS A 34 -57.83 -2.67 7.77
C LYS A 34 -58.30 -3.39 6.51
N ASP A 35 -59.19 -2.76 5.75
CA ASP A 35 -59.66 -3.34 4.50
C ASP A 35 -58.49 -3.46 3.53
N TYR A 36 -57.42 -2.72 3.80
CA TYR A 36 -56.24 -2.76 2.92
C TYR A 36 -55.19 -3.82 3.26
N ALA A 37 -55.36 -4.51 4.38
CA ALA A 37 -54.39 -5.52 4.80
C ALA A 37 -53.82 -6.34 3.64
N TYR A 38 -54.68 -7.02 2.89
CA TYR A 38 -54.22 -7.80 1.75
C TYR A 38 -55.03 -7.46 0.50
N ALA A 39 -55.61 -6.26 0.50
CA ALA A 39 -56.40 -5.76 -0.61
C ALA A 39 -55.72 -4.48 -1.11
N HIS A 40 -55.60 -4.34 -2.43
CA HIS A 40 -54.95 -3.18 -3.04
C HIS A 40 -53.50 -3.22 -2.62
N THR A 41 -52.88 -4.38 -2.82
CA THR A 41 -51.50 -4.63 -2.42
C THR A 41 -50.45 -3.73 -3.03
N HIS A 42 -50.83 -2.92 -4.03
CA HIS A 42 -49.88 -2.03 -4.68
C HIS A 42 -49.93 -0.58 -4.20
N GLU A 43 -50.76 -0.29 -3.22
CA GLU A 43 -50.86 1.06 -2.74
C GLU A 43 -50.15 1.38 -1.44
N ALA A 44 -49.39 2.46 -1.43
CA ALA A 44 -48.72 2.88 -0.22
C ALA A 44 -49.84 3.36 0.69
N LEU A 45 -49.71 3.11 2.00
CA LEU A 45 -50.76 3.50 2.93
C LEU A 45 -50.40 4.62 3.94
N PRO A 46 -51.22 5.68 3.98
CA PRO A 46 -51.08 6.87 4.84
C PRO A 46 -51.22 6.59 6.33
N ILE A 47 -50.18 6.86 7.11
CA ILE A 47 -50.23 6.65 8.56
C ILE A 47 -50.14 7.96 9.33
N LEU A 48 -49.12 8.75 9.06
CA LEU A 48 -49.00 10.04 9.73
C LEU A 48 -48.82 11.09 8.65
N PRO A 49 -49.02 12.37 8.98
CA PRO A 49 -48.82 13.37 7.93
C PRO A 49 -47.39 13.17 7.41
N GLY A 50 -47.26 13.00 6.11
CA GLY A 50 -45.94 12.81 5.53
C GLY A 50 -45.32 11.44 5.74
N ILE A 51 -46.06 10.50 6.30
CA ILE A 51 -45.54 9.15 6.49
C ILE A 51 -46.51 8.09 5.99
N ASN A 52 -46.02 7.22 5.12
CA ASN A 52 -46.82 6.14 4.53
C ASN A 52 -46.07 4.84 4.68
N THR A 53 -46.79 3.74 4.86
CA THR A 53 -46.11 2.45 4.97
C THR A 53 -46.04 1.91 3.56
N THR A 54 -44.90 1.33 3.18
CA THR A 54 -44.71 0.83 1.83
C THR A 54 -45.78 -0.13 1.35
N ALA A 55 -46.09 -0.07 0.06
CA ALA A 55 -47.09 -0.96 -0.52
C ALA A 55 -46.60 -2.40 -0.35
N LEU A 56 -47.50 -3.28 0.08
CA LEU A 56 -47.20 -4.69 0.31
C LEU A 56 -46.36 -5.39 -0.77
N ASN A 57 -46.77 -5.29 -2.03
CA ASN A 57 -46.03 -5.96 -3.08
C ASN A 57 -44.57 -5.59 -3.06
N LEU A 58 -44.28 -4.29 -2.86
CA LEU A 58 -42.91 -3.79 -2.84
C LEU A 58 -42.20 -4.14 -1.54
N GLY A 59 -42.97 -4.06 -0.45
CA GLY A 59 -42.46 -4.38 0.86
C GLY A 59 -41.92 -5.80 0.84
N ILE A 60 -42.78 -6.74 0.47
CA ILE A 60 -42.36 -8.13 0.42
C ILE A 60 -41.20 -8.27 -0.57
N PHE A 61 -41.35 -7.71 -1.76
CA PHE A 61 -40.28 -7.79 -2.74
C PHE A 61 -38.92 -7.36 -2.21
N MSE A 62 -38.91 -6.29 -1.43
CA MSE A 62 -37.66 -5.83 -0.86
C MSE A 62 -37.13 -6.77 0.23
O MSE A 62 -35.93 -7.08 0.26
CB MSE A 62 -37.84 -4.41 -0.33
CG MSE A 62 -37.74 -3.34 -1.42
SE MSE A 62 -38.33 -1.60 -0.80
CE MSE A 62 -37.03 -1.33 0.60
N LEU A 63 -38.00 -7.25 1.11
CA LEU A 63 -37.58 -8.17 2.17
C LEU A 63 -37.06 -9.44 1.53
N ASP A 64 -37.63 -9.76 0.38
CA ASP A 64 -37.24 -10.97 -0.33
C ASP A 64 -35.90 -10.79 -1.04
N GLU A 65 -35.69 -9.62 -1.62
CA GLU A 65 -34.45 -9.31 -2.31
C GLU A 65 -33.34 -9.10 -1.30
N LEU A 66 -33.73 -8.98 -0.04
CA LEU A 66 -32.82 -8.77 1.08
C LEU A 66 -32.10 -10.06 1.45
N ASP A 67 -32.69 -11.20 1.06
CA ASP A 67 -32.15 -12.52 1.34
C ASP A 67 -31.97 -12.83 2.84
N LEU A 68 -33.08 -12.80 3.57
CA LEU A 68 -33.08 -13.05 5.00
C LEU A 68 -32.86 -14.52 5.41
N HIS A 69 -32.06 -14.75 6.44
CA HIS A 69 -31.78 -16.11 6.94
C HIS A 69 -31.92 -16.15 8.46
N LYS A 70 -31.87 -17.36 8.99
CA LYS A 70 -31.96 -17.54 10.43
C LYS A 70 -30.62 -17.21 11.07
N GLY A 71 -30.67 -16.64 12.26
CA GLY A 71 -29.47 -16.29 12.99
C GLY A 71 -28.82 -14.97 12.66
N GLN A 72 -29.28 -14.31 11.60
CA GLN A 72 -28.70 -13.04 11.21
C GLN A 72 -29.00 -11.88 12.16
N LYS A 73 -28.28 -10.79 11.94
CA LYS A 73 -28.47 -9.58 12.73
C LYS A 73 -28.89 -8.56 11.66
N VAL A 74 -30.09 -8.02 11.79
CA VAL A 74 -30.56 -7.06 10.80
C VAL A 74 -30.80 -5.67 11.35
N LEU A 75 -30.47 -4.68 10.52
CA LEU A 75 -30.66 -3.28 10.88
C LEU A 75 -31.76 -2.70 9.97
N GLU A 76 -32.88 -2.31 10.57
CA GLU A 76 -33.98 -1.74 9.81
C GLU A 76 -34.09 -0.25 10.14
N ILE A 77 -34.05 0.57 9.10
CA ILE A 77 -34.12 2.00 9.27
C ILE A 77 -35.50 2.49 8.79
N GLY A 78 -36.34 2.83 9.76
CA GLY A 78 -37.69 3.28 9.47
C GLY A 78 -38.80 2.30 9.86
N THR A 79 -38.83 1.92 11.13
CA THR A 79 -39.81 1.01 11.70
C THR A 79 -41.21 1.17 11.10
N GLY A 80 -41.79 2.35 11.26
CA GLY A 80 -43.11 2.57 10.69
C GLY A 80 -44.19 1.92 11.52
N ILE A 81 -45.10 1.20 10.88
CA ILE A 81 -46.15 0.54 11.64
C ILE A 81 -45.66 -0.76 12.27
N GLY A 82 -44.48 -1.20 11.88
CA GLY A 82 -43.93 -2.41 12.48
C GLY A 82 -44.11 -3.71 11.73
N TYR A 83 -45.06 -3.76 10.80
CA TYR A 83 -45.31 -4.96 10.01
C TYR A 83 -44.06 -5.66 9.44
N TYR A 84 -43.29 -4.98 8.59
CA TYR A 84 -42.09 -5.60 8.00
C TYR A 84 -41.07 -5.97 9.08
N THR A 85 -41.12 -5.28 10.21
CA THR A 85 -40.19 -5.56 11.29
C THR A 85 -40.55 -6.92 11.85
N ALA A 86 -41.86 -7.13 12.02
CA ALA A 86 -42.41 -8.39 12.52
C ALA A 86 -41.98 -9.54 11.61
N LEU A 87 -42.17 -9.39 10.31
CA LEU A 87 -41.77 -10.43 9.38
C LEU A 87 -40.29 -10.75 9.51
N ILE A 88 -39.48 -9.75 9.79
CA ILE A 88 -38.05 -9.98 9.89
C ILE A 88 -37.69 -10.72 11.16
N ALA A 89 -38.36 -10.39 12.24
CA ALA A 89 -38.15 -11.00 13.54
C ALA A 89 -38.58 -12.48 13.57
N GLU A 90 -39.44 -12.85 12.63
CA GLU A 90 -39.91 -14.21 12.50
C GLU A 90 -38.85 -15.03 11.77
N ILE A 91 -38.00 -14.37 11.02
CA ILE A 91 -37.00 -15.07 10.23
C ILE A 91 -35.60 -15.02 10.78
N VAL A 92 -35.27 -13.88 11.37
CA VAL A 92 -33.92 -13.63 11.86
C VAL A 92 -33.68 -13.76 13.36
N ASP A 93 -32.40 -13.87 13.71
CA ASP A 93 -31.96 -13.97 15.09
C ASP A 93 -32.40 -12.72 15.83
N LYS A 94 -31.66 -11.62 15.64
CA LYS A 94 -32.00 -10.34 16.27
C LYS A 94 -32.24 -9.23 15.25
N VAL A 95 -33.07 -8.27 15.62
CA VAL A 95 -33.42 -7.12 14.77
C VAL A 95 -33.39 -5.77 15.50
N VAL A 96 -32.62 -4.84 14.97
CA VAL A 96 -32.54 -3.49 15.55
C VAL A 96 -33.29 -2.68 14.54
N SER A 97 -34.21 -1.86 15.01
CA SER A 97 -35.02 -1.04 14.13
C SER A 97 -35.08 0.37 14.70
N VAL A 98 -34.85 1.37 13.84
CA VAL A 98 -34.84 2.75 14.27
C VAL A 98 -36.01 3.51 13.66
N GLU A 99 -36.62 4.39 14.45
CA GLU A 99 -37.72 5.22 13.99
C GLU A 99 -37.47 6.64 14.54
N ILE A 100 -37.38 7.63 13.66
CA ILE A 100 -37.08 8.97 14.08
C ILE A 100 -38.29 9.75 14.57
N ASN A 101 -39.47 9.32 14.17
CA ASN A 101 -40.70 10.02 14.55
C ASN A 101 -41.23 9.39 15.81
N GLU A 102 -41.45 10.20 16.85
CA GLU A 102 -41.91 9.63 18.09
C GLU A 102 -43.32 9.08 18.06
N LYS A 103 -44.23 9.82 17.43
CA LYS A 103 -45.61 9.38 17.33
C LYS A 103 -45.69 8.05 16.63
N MSE A 104 -44.82 7.83 15.65
CA MSE A 104 -44.77 6.56 14.94
C MSE A 104 -44.12 5.50 15.83
O MSE A 104 -44.53 4.35 15.83
CB MSE A 104 -43.95 6.70 13.67
CG MSE A 104 -43.97 5.47 12.80
SE MSE A 104 -45.71 5.14 12.02
CE MSE A 104 -45.79 6.64 10.81
N TYR A 105 -43.11 5.90 16.58
CA TYR A 105 -42.39 5.00 17.49
C TYR A 105 -43.37 4.41 18.50
N ASN A 106 -44.12 5.28 19.16
CA ASN A 106 -45.10 4.86 20.14
C ASN A 106 -46.06 3.84 19.53
N TYR A 107 -46.77 4.27 18.49
CA TYR A 107 -47.71 3.39 17.82
C TYR A 107 -47.13 1.98 17.59
N ALA A 108 -45.95 1.91 17.00
CA ALA A 108 -45.34 0.61 16.71
C ALA A 108 -44.80 -0.10 17.95
N SER A 109 -44.51 0.67 18.99
CA SER A 109 -43.96 0.08 20.19
C SER A 109 -44.96 -0.86 20.84
N LYS A 110 -46.22 -0.44 20.90
CA LYS A 110 -47.28 -1.25 21.49
C LYS A 110 -47.40 -2.59 20.78
N LEU A 111 -47.48 -2.54 19.46
CA LEU A 111 -47.62 -3.73 18.63
C LEU A 111 -46.40 -4.65 18.61
N LEU A 112 -45.21 -4.11 18.80
CA LEU A 112 -44.02 -4.95 18.75
C LEU A 112 -43.62 -5.65 20.05
N SER A 113 -44.38 -5.38 21.12
CA SER A 113 -44.13 -5.99 22.42
C SER A 113 -44.19 -7.50 22.35
N TYR A 114 -45.01 -8.01 21.42
CA TYR A 114 -45.19 -9.43 21.27
C TYR A 114 -43.86 -10.13 21.02
N TYR A 115 -43.05 -9.57 20.14
CA TYR A 115 -41.77 -10.16 19.77
C TYR A 115 -40.70 -9.89 20.83
N ASN A 116 -39.70 -10.77 20.93
CA ASN A 116 -38.65 -10.57 21.93
C ASN A 116 -37.24 -10.47 21.34
N ASN A 117 -37.12 -10.48 20.01
CA ASN A 117 -35.81 -10.36 19.39
C ASN A 117 -35.71 -9.07 18.55
N ILE A 118 -36.50 -8.07 18.96
CA ILE A 118 -36.55 -6.76 18.30
C ILE A 118 -36.15 -5.62 19.23
N LYS A 119 -35.12 -4.87 18.85
CA LYS A 119 -34.71 -3.72 19.64
C LYS A 119 -35.15 -2.45 18.92
N LEU A 120 -36.05 -1.70 19.55
CA LEU A 120 -36.58 -0.49 18.95
C LEU A 120 -35.94 0.80 19.43
N ILE A 121 -35.12 1.40 18.58
CA ILE A 121 -34.48 2.64 18.92
C ILE A 121 -35.29 3.81 18.40
N LEU A 122 -35.60 4.75 19.28
CA LEU A 122 -36.32 5.95 18.89
C LEU A 122 -35.20 6.96 18.61
N GLY A 123 -34.80 7.10 17.34
CA GLY A 123 -33.74 8.03 17.00
C GLY A 123 -33.40 8.18 15.52
N ASP A 124 -32.25 8.78 15.26
CA ASP A 124 -31.78 9.04 13.90
C ASP A 124 -31.28 7.78 13.20
N GLY A 125 -32.11 7.23 12.33
CA GLY A 125 -31.73 6.02 11.60
C GLY A 125 -30.64 6.28 10.58
N THR A 126 -30.40 7.56 10.36
CA THR A 126 -29.39 7.96 9.41
C THR A 126 -27.98 7.70 9.97
N LEU A 127 -27.92 7.46 11.28
CA LEU A 127 -26.67 7.18 11.97
C LEU A 127 -26.56 5.67 12.12
N GLY A 128 -27.61 4.96 11.74
CA GLY A 128 -27.63 3.51 11.86
C GLY A 128 -27.67 3.21 13.35
N TYR A 129 -26.87 2.25 13.78
CA TYR A 129 -26.81 1.92 15.20
C TYR A 129 -25.49 1.28 15.56
N GLU A 130 -24.52 2.14 15.86
CA GLU A 130 -23.16 1.75 16.18
C GLU A 130 -23.03 0.60 17.17
N GLU A 131 -23.64 0.77 18.33
CA GLU A 131 -23.55 -0.18 19.43
C GLU A 131 -23.68 -1.70 19.15
N GLU A 132 -24.42 -2.13 18.11
CA GLU A 132 -24.52 -3.56 17.74
C GLU A 132 -23.81 -3.74 16.41
N LYS A 133 -23.01 -2.72 16.10
CA LYS A 133 -22.31 -2.57 14.87
C LYS A 133 -22.33 -3.68 13.82
N PRO A 134 -21.80 -4.90 14.05
CA PRO A 134 -21.85 -5.83 12.89
C PRO A 134 -23.24 -6.29 12.48
N TYR A 135 -23.63 -5.97 11.25
CA TYR A 135 -24.97 -6.35 10.74
C TYR A 135 -24.83 -7.13 9.43
N ASP A 136 -25.68 -8.14 9.26
CA ASP A 136 -25.67 -8.95 8.04
C ASP A 136 -26.51 -8.30 6.95
N ARG A 137 -27.60 -7.68 7.36
CA ARG A 137 -28.55 -7.02 6.45
C ARG A 137 -29.07 -5.68 6.97
N VAL A 138 -29.29 -4.76 6.03
CA VAL A 138 -29.82 -3.43 6.31
C VAL A 138 -30.94 -3.06 5.31
N VAL A 139 -32.07 -2.60 5.81
CA VAL A 139 -33.16 -2.21 4.93
C VAL A 139 -33.53 -0.78 5.29
N VAL A 140 -33.79 0.03 4.27
CA VAL A 140 -34.16 1.42 4.50
C VAL A 140 -35.46 1.70 3.74
N TRP A 141 -36.45 2.19 4.48
CA TRP A 141 -37.77 2.48 3.94
C TRP A 141 -37.95 3.93 3.49
N ALA A 142 -36.87 4.60 3.14
CA ALA A 142 -37.00 5.99 2.70
C ALA A 142 -35.81 6.30 1.81
N THR A 143 -35.99 7.14 0.80
CA THR A 143 -34.88 7.51 -0.10
C THR A 143 -33.84 8.41 0.57
N ALA A 144 -32.61 8.30 0.12
CA ALA A 144 -31.47 9.05 0.67
C ALA A 144 -30.71 9.80 -0.41
N PRO A 145 -30.01 10.89 -0.04
CA PRO A 145 -29.20 11.75 -0.94
C PRO A 145 -28.05 10.97 -1.59
N THR A 146 -27.42 10.07 -0.83
CA THR A 146 -26.31 9.24 -1.31
C THR A 146 -26.39 7.89 -0.62
N LEU A 147 -25.33 7.11 -0.76
CA LEU A 147 -25.20 5.84 -0.09
C LEU A 147 -25.14 6.24 1.37
N LEU A 148 -25.96 5.63 2.22
CA LEU A 148 -25.95 5.96 3.65
C LEU A 148 -24.70 5.38 4.31
N CYS A 149 -23.76 6.27 4.62
CA CYS A 149 -22.48 5.94 5.22
C CYS A 149 -22.50 5.13 6.52
N LYS A 150 -23.18 5.61 7.54
CA LYS A 150 -23.22 4.90 8.80
C LYS A 150 -23.72 3.47 8.68
N PRO A 151 -24.91 3.27 8.10
CA PRO A 151 -25.39 1.89 7.97
C PRO A 151 -24.43 1.04 7.13
N TYR A 152 -23.89 1.62 6.06
CA TYR A 152 -22.94 0.90 5.20
C TYR A 152 -21.66 0.51 5.98
N GLU A 153 -21.19 1.41 6.83
CA GLU A 153 -20.01 1.12 7.62
C GLU A 153 -20.31 -0.04 8.56
N GLN A 154 -21.50 -0.02 9.15
CA GLN A 154 -21.90 -1.06 10.08
C GLN A 154 -22.29 -2.41 9.43
N LEU A 155 -22.00 -2.56 8.15
CA LEU A 155 -22.33 -3.81 7.48
C LEU A 155 -21.19 -4.80 7.58
N LYS A 156 -21.48 -6.09 7.48
CA LYS A 156 -20.42 -7.09 7.47
C LYS A 156 -19.75 -6.93 6.11
N GLU A 157 -18.56 -7.46 5.92
CA GLU A 157 -17.90 -7.25 4.65
C GLU A 157 -18.63 -7.72 3.41
N GLY A 158 -19.55 -8.66 3.53
CA GLY A 158 -20.23 -9.10 2.33
C GLY A 158 -21.70 -8.79 2.43
N GLY A 159 -22.04 -8.05 3.49
CA GLY A 159 -23.40 -7.68 3.77
C GLY A 159 -24.17 -7.06 2.62
N ILE A 160 -25.47 -7.03 2.83
CA ILE A 160 -26.39 -6.51 1.86
C ILE A 160 -27.26 -5.43 2.46
N MSE A 161 -27.33 -4.31 1.76
CA MSE A 161 -28.18 -3.22 2.19
C MSE A 161 -29.10 -2.92 1.01
O MSE A 161 -28.67 -2.96 -0.16
CB MSE A 161 -27.34 -1.97 2.56
CG MSE A 161 -28.21 -0.71 2.80
SE MSE A 161 -27.39 0.82 3.65
CE MSE A 161 -25.88 1.02 2.44
N ILE A 162 -30.36 -2.68 1.31
CA ILE A 162 -31.31 -2.33 0.27
C ILE A 162 -31.88 -0.98 0.65
N LEU A 163 -31.67 -0.01 -0.24
CA LEU A 163 -32.17 1.36 -0.06
C LEU A 163 -32.43 2.06 -1.37
N PRO A 164 -33.24 3.11 -1.31
CA PRO A 164 -33.54 3.88 -2.52
C PRO A 164 -32.61 5.10 -2.43
N ILE A 165 -31.90 5.39 -3.52
CA ILE A 165 -31.04 6.58 -3.52
C ILE A 165 -31.54 7.58 -4.59
N GLY A 166 -31.69 8.84 -4.22
CA GLY A 166 -32.13 9.77 -5.24
C GLY A 166 -32.89 10.94 -4.70
N VAL A 167 -32.77 12.05 -5.41
CA VAL A 167 -33.46 13.28 -5.06
C VAL A 167 -34.56 13.27 -6.08
N GLY A 168 -35.68 13.92 -5.81
CA GLY A 168 -36.70 13.86 -6.82
C GLY A 168 -37.82 12.94 -6.39
N ARG A 169 -38.94 12.97 -7.13
CA ARG A 169 -40.11 12.17 -6.76
C ARG A 169 -40.05 10.71 -7.13
N VAL A 170 -39.13 10.35 -8.01
CA VAL A 170 -38.99 8.95 -8.39
C VAL A 170 -37.54 8.53 -8.22
N GLN A 171 -37.26 7.68 -7.23
CA GLN A 171 -35.90 7.24 -6.98
C GLN A 171 -35.58 5.85 -7.56
N LYS A 172 -34.34 5.42 -7.39
CA LYS A 172 -33.94 4.10 -7.84
C LYS A 172 -33.77 3.22 -6.60
N LEU A 173 -34.20 1.95 -6.69
CA LEU A 173 -34.08 0.99 -5.60
C LEU A 173 -32.75 0.29 -5.77
N TYR A 174 -31.87 0.39 -4.79
CA TYR A 174 -30.56 -0.25 -4.92
C TYR A 174 -30.33 -1.40 -3.97
N LYS A 175 -29.60 -2.40 -4.47
CA LYS A 175 -29.20 -3.55 -3.68
C LYS A 175 -27.70 -3.39 -3.62
N VAL A 176 -27.18 -3.11 -2.43
CA VAL A 176 -25.76 -2.87 -2.26
C VAL A 176 -25.06 -3.99 -1.51
N ILE A 177 -23.90 -4.39 -2.03
CA ILE A 177 -23.11 -5.43 -1.41
C ILE A 177 -21.77 -4.83 -1.04
N LYS A 178 -21.55 -4.73 0.27
CA LYS A 178 -20.34 -4.13 0.80
C LYS A 178 -19.08 -4.80 0.29
N LYS A 179 -18.13 -4.00 -0.18
CA LYS A 179 -16.84 -4.46 -0.69
C LYS A 179 -15.86 -3.34 -0.44
N GLY A 180 -15.60 -3.05 0.83
CA GLY A 180 -14.69 -1.97 1.18
C GLY A 180 -15.26 -0.63 0.73
N ASN A 181 -14.51 0.13 -0.07
CA ASN A 181 -15.02 1.41 -0.55
C ASN A 181 -15.43 1.36 -2.01
N SER A 182 -15.79 0.18 -2.49
CA SER A 182 -16.22 0.00 -3.87
C SER A 182 -17.36 -1.00 -3.89
N PRO A 183 -18.49 -0.63 -3.28
CA PRO A 183 -19.68 -1.45 -3.19
C PRO A 183 -20.25 -1.73 -4.56
N SER A 184 -20.98 -2.82 -4.68
CA SER A 184 -21.63 -3.14 -5.93
C SER A 184 -23.05 -2.63 -5.76
N LEU A 185 -23.54 -1.91 -6.76
CA LEU A 185 -24.89 -1.38 -6.71
C LEU A 185 -25.76 -1.92 -7.81
N GLU A 186 -26.78 -2.69 -7.45
CA GLU A 186 -27.68 -3.23 -8.45
C GLU A 186 -28.97 -2.43 -8.41
N ASN A 187 -29.40 -1.97 -9.57
CA ASN A 187 -30.61 -1.18 -9.68
C ASN A 187 -31.79 -2.10 -9.81
N LEU A 188 -32.60 -2.20 -8.78
CA LEU A 188 -33.75 -3.08 -8.84
C LEU A 188 -34.97 -2.43 -9.45
N GLY A 189 -34.87 -1.17 -9.85
CA GLY A 189 -36.02 -0.50 -10.44
C GLY A 189 -36.35 0.84 -9.83
N GLU A 190 -37.34 1.52 -10.38
CA GLU A 190 -37.75 2.84 -9.88
C GLU A 190 -38.83 2.78 -8.81
N VAL A 191 -38.63 3.52 -7.73
CA VAL A 191 -39.59 3.55 -6.63
C VAL A 191 -39.94 4.98 -6.23
N MSE A 192 -40.88 5.11 -5.30
CA MSE A 192 -41.27 6.42 -4.82
C MSE A 192 -41.38 6.40 -3.30
O MSE A 192 -42.42 6.09 -2.74
CB MSE A 192 -42.63 6.84 -5.40
CG MSE A 192 -42.57 7.35 -6.83
SE MSE A 192 -44.26 7.97 -7.61
CE MSE A 192 -44.14 6.99 -9.30
N PHE A 193 -40.29 6.72 -2.63
CA PHE A 193 -40.29 6.76 -1.19
C PHE A 193 -40.20 8.19 -0.70
N GLY A 194 -40.55 8.39 0.55
CA GLY A 194 -40.44 9.71 1.15
C GLY A 194 -38.97 9.95 1.43
N ARG A 195 -38.63 11.21 1.69
CA ARG A 195 -37.25 11.55 1.96
C ARG A 195 -36.87 11.17 3.36
N ILE A 196 -35.67 10.64 3.52
CA ILE A 196 -35.19 10.26 4.84
C ILE A 196 -34.67 11.47 5.59
N GLY A 197 -34.94 11.55 6.88
CA GLY A 197 -34.45 12.68 7.65
C GLY A 197 -33.23 12.31 8.50
N GLY A 198 -32.72 13.29 9.24
CA GLY A 198 -31.57 13.03 10.09
C GLY A 198 -30.28 13.64 9.61
N LEU A 199 -29.28 13.61 10.48
CA LEU A 199 -27.96 14.14 10.20
C LEU A 199 -27.48 13.91 8.77
N TYR A 200 -27.48 12.65 8.33
CA TYR A 200 -27.02 12.33 6.99
C TYR A 200 -28.18 12.16 6.04
N GLY A 201 -29.20 12.99 6.26
CA GLY A 201 -30.39 12.95 5.43
C GLY A 201 -30.44 14.13 4.48
N PHE A 202 -31.63 14.58 4.10
CA PHE A 202 -31.72 15.70 3.18
C PHE A 202 -31.68 17.03 3.91
N TYR A 203 -31.09 18.03 3.26
CA TYR A 203 -30.99 19.38 3.81
C TYR A 203 -31.78 20.36 2.97
N ASP A 204 -32.32 19.90 1.83
CA ASP A 204 -33.15 20.77 0.97
C ASP A 204 -34.45 20.02 0.64
N ASP A 205 -35.53 20.75 0.37
CA ASP A 205 -36.82 20.15 0.04
C ASP A 205 -36.92 19.77 -1.44
N TYR A 206 -37.93 18.99 -1.78
CA TYR A 206 -38.12 18.60 -3.17
C TYR A 206 -38.35 19.89 -3.94
N ASP A 207 -37.73 19.99 -5.12
CA ASP A 207 -37.87 21.20 -5.91
C ASP A 207 -39.13 21.25 -6.78
N ASP A 208 -40.22 21.74 -6.20
CA ASP A 208 -41.48 21.88 -6.93
C ASP A 208 -41.60 23.37 -7.16
N ILE A 209 -41.47 23.80 -8.42
CA ILE A 209 -41.51 25.22 -8.72
C ILE A 209 -42.90 25.84 -8.66
N GLU A 210 -43.91 25.01 -8.90
CA GLU A 210 -45.28 25.47 -8.85
C GLU A 210 -45.49 26.07 -7.47
N PHE A 211 -45.18 25.30 -6.44
CA PHE A 211 -45.34 25.78 -5.10
C PHE A 211 -44.39 26.88 -4.69
N ARG A 212 -43.15 26.83 -5.19
CA ARG A 212 -42.17 27.85 -4.87
C ARG A 212 -42.71 29.19 -5.37
N VAL A 213 -43.40 29.18 -6.51
CA VAL A 213 -43.98 30.40 -7.03
C VAL A 213 -45.20 30.73 -6.16
N ASN A 214 -46.11 29.77 -6.00
CA ASN A 214 -47.30 30.00 -5.18
C ASN A 214 -46.93 30.81 -3.95
N LYS A 215 -45.99 30.29 -3.16
CA LYS A 215 -45.55 30.97 -1.95
C LYS A 215 -45.11 32.41 -2.22
N LEU A 216 -44.19 32.58 -3.16
CA LEU A 216 -43.70 33.91 -3.51
C LEU A 216 -44.85 34.86 -3.82
N GLU A 217 -45.93 34.32 -4.36
CA GLU A 217 -47.12 35.10 -4.68
C GLU A 217 -47.79 35.49 -3.36
N ARG A 218 -47.89 34.51 -2.45
CA ARG A 218 -48.46 34.73 -1.13
C ARG A 218 -47.58 35.73 -0.42
N GLN A 219 -46.29 35.43 -0.34
CA GLN A 219 -45.34 36.31 0.31
C GLN A 219 -45.53 37.75 -0.16
N ILE A 220 -45.81 37.90 -1.45
CA ILE A 220 -46.02 39.23 -2.02
C ILE A 220 -47.34 39.83 -1.54
N LYS A 221 -47.81 39.36 -0.39
CA LYS A 221 -49.04 39.92 0.16
C LYS A 221 -48.73 40.78 1.37
N SER A 222 -48.47 42.04 1.06
CA SER A 222 -48.13 43.05 2.05
C SER A 222 -48.35 44.39 1.37
N ILE A 223 -49.12 45.25 2.02
CA ILE A 223 -49.41 46.59 1.51
C ILE A 223 -49.15 47.61 2.64
N LEU A 224 -47.94 48.15 2.65
CA LEU A 224 -47.52 49.13 3.64
C LEU A 224 -47.39 50.54 3.02
N ALA B 1 -3.64 43.78 -7.01
CA ALA B 1 -4.21 44.03 -5.64
C ALA B 1 -5.22 45.20 -5.63
N SER B 2 -6.38 45.03 -6.28
CA SER B 2 -7.37 46.08 -6.34
C SER B 2 -8.40 45.90 -5.25
N GLU B 3 -9.01 44.72 -5.22
CA GLU B 3 -10.02 44.44 -4.21
C GLU B 3 -9.36 43.76 -3.04
N LYS B 4 -8.03 43.68 -3.11
CA LYS B 4 -7.24 43.04 -2.08
C LYS B 4 -7.40 43.68 -0.69
N GLU B 5 -7.29 45.01 -0.63
CA GLU B 5 -7.45 45.75 0.61
C GLU B 5 -8.88 45.64 1.16
N GLU B 6 -9.90 45.63 0.28
CA GLU B 6 -11.28 45.49 0.76
C GLU B 6 -11.39 44.18 1.55
N ILE B 7 -10.93 43.10 0.93
CA ILE B 7 -10.99 41.77 1.51
C ILE B 7 -10.18 41.63 2.78
N LEU B 8 -8.99 42.23 2.79
CA LEU B 8 -8.07 42.16 3.92
C LEU B 8 -8.65 42.85 5.15
N ARG B 9 -9.31 43.97 4.93
CA ARG B 9 -9.92 44.75 6.00
C ARG B 9 -10.93 43.90 6.80
N LYS B 10 -11.65 43.06 6.08
CA LYS B 10 -12.68 42.20 6.65
C LYS B 10 -12.17 41.00 7.46
N ILE B 11 -10.96 40.51 7.16
CA ILE B 11 -10.42 39.34 7.85
C ILE B 11 -10.30 39.49 9.39
N LYS B 12 -11.02 38.61 10.08
CA LYS B 12 -11.07 38.58 11.54
C LYS B 12 -9.95 37.77 12.20
N THR B 13 -9.32 36.87 11.44
CA THR B 13 -8.24 36.07 12.00
C THR B 13 -6.92 36.68 11.58
N GLN B 14 -6.22 37.28 12.54
CA GLN B 14 -4.95 37.93 12.27
C GLN B 14 -3.98 37.10 11.45
N GLU B 15 -3.86 35.82 11.75
CA GLU B 15 -2.95 34.93 11.03
C GLU B 15 -3.33 34.81 9.55
N LEU B 16 -4.63 34.73 9.28
CA LEU B 16 -5.14 34.66 7.92
C LEU B 16 -4.84 35.96 7.20
N ALA B 17 -4.99 37.06 7.93
CA ALA B 17 -4.77 38.39 7.40
C ALA B 17 -3.34 38.48 6.85
N GLU B 18 -2.39 37.94 7.61
CA GLU B 18 -1.00 37.96 7.19
C GLU B 18 -0.72 37.03 6.04
N ALA B 19 -1.25 35.81 6.11
CA ALA B 19 -1.08 34.84 5.03
C ALA B 19 -1.68 35.43 3.72
N PHE B 20 -2.88 36.01 3.82
CA PHE B 20 -3.54 36.60 2.67
C PHE B 20 -2.72 37.72 2.02
N ASN B 21 -2.07 38.53 2.86
CA ASN B 21 -1.27 39.60 2.32
C ASN B 21 -0.02 39.09 1.63
N LYS B 22 0.61 38.08 2.22
CA LYS B 22 1.85 37.50 1.69
C LYS B 22 1.79 36.58 0.43
N VAL B 23 0.88 35.61 0.39
CA VAL B 23 0.78 34.68 -0.74
C VAL B 23 0.28 35.34 -2.03
N ASP B 24 1.08 35.23 -3.08
CA ASP B 24 0.72 35.85 -4.35
C ASP B 24 -0.18 34.92 -5.16
N ARG B 25 -1.48 35.18 -5.13
CA ARG B 25 -2.45 34.37 -5.84
C ARG B 25 -2.26 34.27 -7.37
N SER B 26 -1.55 35.20 -7.97
CA SER B 26 -1.37 35.10 -9.41
C SER B 26 -0.41 33.94 -9.72
N LEU B 27 0.31 33.51 -8.70
CA LEU B 27 1.26 32.41 -8.84
C LEU B 27 0.57 31.04 -8.93
N PHE B 28 -0.73 30.99 -8.66
CA PHE B 28 -1.40 29.71 -8.77
C PHE B 28 -2.40 29.76 -9.89
N LEU B 29 -2.54 30.92 -10.52
CA LEU B 29 -3.47 31.09 -11.63
C LEU B 29 -2.78 31.03 -12.98
N PRO B 30 -3.46 30.43 -14.00
CA PRO B 30 -2.91 30.29 -15.36
C PRO B 30 -2.69 31.69 -15.96
N GLU B 31 -2.10 31.74 -17.15
CA GLU B 31 -1.83 32.99 -17.83
C GLU B 31 -3.11 33.78 -18.13
N ASN B 32 -4.06 33.11 -18.76
CA ASN B 32 -5.34 33.69 -19.14
C ASN B 32 -6.10 34.40 -18.00
N LEU B 33 -5.87 33.97 -16.76
CA LEU B 33 -6.56 34.53 -15.61
C LEU B 33 -5.73 35.42 -14.69
N LYS B 34 -4.56 35.82 -15.13
CA LYS B 34 -3.69 36.64 -14.31
C LYS B 34 -4.35 37.90 -13.80
N ASP B 35 -5.17 38.54 -14.64
CA ASP B 35 -5.84 39.75 -14.22
C ASP B 35 -6.91 39.54 -13.17
N TYR B 36 -7.16 38.30 -12.76
CA TYR B 36 -8.19 38.08 -11.75
C TYR B 36 -7.60 37.77 -10.39
N ALA B 37 -6.30 37.93 -10.24
CA ALA B 37 -5.68 37.65 -8.94
C ALA B 37 -6.41 38.41 -7.82
N TYR B 38 -6.62 39.71 -8.03
CA TYR B 38 -7.28 40.51 -7.02
C TYR B 38 -8.36 41.46 -7.56
N ALA B 39 -8.94 41.06 -8.71
CA ALA B 39 -10.01 41.83 -9.35
C ALA B 39 -11.14 40.88 -9.76
N HIS B 40 -12.39 41.32 -9.66
CA HIS B 40 -13.54 40.47 -10.00
C HIS B 40 -13.62 39.40 -8.95
N THR B 41 -13.21 39.81 -7.77
CA THR B 41 -13.15 38.97 -6.59
C THR B 41 -14.38 38.11 -6.24
N HIS B 42 -15.51 38.39 -6.87
CA HIS B 42 -16.73 37.65 -6.59
C HIS B 42 -17.02 36.55 -7.59
N GLU B 43 -16.19 36.42 -8.62
CA GLU B 43 -16.44 35.37 -9.59
C GLU B 43 -15.57 34.13 -9.41
N ALA B 44 -16.09 32.99 -9.85
CA ALA B 44 -15.38 31.72 -9.80
C ALA B 44 -14.65 31.65 -11.11
N LEU B 45 -13.40 31.22 -11.08
CA LEU B 45 -12.57 31.15 -12.28
C LEU B 45 -12.47 29.75 -12.90
N PRO B 46 -12.55 29.68 -14.23
CA PRO B 46 -12.48 28.45 -15.03
C PRO B 46 -11.08 27.89 -15.06
N ILE B 47 -10.93 26.64 -14.67
CA ILE B 47 -9.63 25.98 -14.67
C ILE B 47 -9.66 24.74 -15.55
N LEU B 48 -10.70 23.93 -15.39
CA LEU B 48 -10.88 22.72 -16.17
C LEU B 48 -12.35 22.59 -16.57
N PRO B 49 -12.65 21.85 -17.64
CA PRO B 49 -14.06 21.71 -18.04
C PRO B 49 -14.86 21.20 -16.84
N GLY B 50 -15.86 21.97 -16.43
CA GLY B 50 -16.68 21.58 -15.30
C GLY B 50 -16.09 21.94 -13.96
N ILE B 51 -14.88 22.49 -13.91
CA ILE B 51 -14.24 22.83 -12.64
C ILE B 51 -13.73 24.27 -12.47
N ASN B 52 -14.17 24.91 -11.39
CA ASN B 52 -13.80 26.29 -11.10
C ASN B 52 -13.09 26.47 -9.77
N THR B 53 -12.54 27.65 -9.58
CA THR B 53 -11.87 27.99 -8.34
C THR B 53 -12.87 28.85 -7.61
N THR B 54 -13.16 28.53 -6.36
CA THR B 54 -14.08 29.34 -5.59
C THR B 54 -13.70 30.83 -5.69
N ALA B 55 -14.70 31.68 -5.62
CA ALA B 55 -14.50 33.12 -5.66
C ALA B 55 -13.65 33.51 -4.46
N LEU B 56 -12.71 34.42 -4.69
CA LEU B 56 -11.81 34.86 -3.63
C LEU B 56 -12.56 35.38 -2.43
N ASN B 57 -13.60 36.19 -2.67
CA ASN B 57 -14.36 36.73 -1.57
C ASN B 57 -14.98 35.59 -0.76
N LEU B 58 -15.46 34.56 -1.45
CA LEU B 58 -16.05 33.45 -0.75
C LEU B 58 -14.99 32.66 0.01
N GLY B 59 -13.92 32.26 -0.70
CA GLY B 59 -12.82 31.52 -0.09
C GLY B 59 -12.21 32.11 1.17
N ILE B 60 -11.92 33.40 1.14
CA ILE B 60 -11.33 34.07 2.30
C ILE B 60 -12.32 34.08 3.45
N PHE B 61 -13.60 34.25 3.12
CA PHE B 61 -14.64 34.24 4.13
C PHE B 61 -14.69 32.86 4.80
N MSE B 62 -14.66 31.81 3.99
CA MSE B 62 -14.69 30.46 4.52
C MSE B 62 -13.49 30.15 5.41
O MSE B 62 -13.66 29.64 6.52
CB MSE B 62 -14.77 29.48 3.37
CG MSE B 62 -16.01 29.70 2.51
SE MSE B 62 -16.35 28.32 1.20
CE MSE B 62 -15.99 29.37 -0.37
N LEU B 63 -12.29 30.48 4.94
CA LEU B 63 -11.10 30.24 5.74
C LEU B 63 -11.16 31.07 7.02
N ASP B 64 -11.64 32.32 6.91
CA ASP B 64 -11.72 33.18 8.08
C ASP B 64 -12.66 32.55 9.11
N GLU B 65 -13.73 31.93 8.62
CA GLU B 65 -14.71 31.29 9.50
C GLU B 65 -14.22 29.96 10.06
N LEU B 66 -13.14 29.42 9.46
CA LEU B 66 -12.57 28.13 9.86
C LEU B 66 -11.81 28.19 11.17
N ASP B 67 -11.49 29.42 11.60
CA ASP B 67 -10.77 29.65 12.85
C ASP B 67 -9.44 28.90 12.81
N LEU B 68 -8.57 29.35 11.93
CA LEU B 68 -7.27 28.74 11.77
C LEU B 68 -6.20 29.37 12.66
N HIS B 69 -5.41 28.53 13.33
CA HIS B 69 -4.31 29.02 14.16
C HIS B 69 -3.12 28.04 14.25
N LYS B 70 -2.02 28.49 14.85
CA LYS B 70 -0.80 27.69 15.01
C LYS B 70 -1.04 26.27 15.46
N GLY B 71 -0.21 25.37 14.98
CA GLY B 71 -0.28 23.98 15.37
C GLY B 71 -1.52 23.14 15.14
N GLN B 72 -2.33 23.47 14.14
CA GLN B 72 -3.49 22.64 13.88
C GLN B 72 -3.17 21.70 12.71
N LYS B 73 -3.97 20.65 12.58
CA LYS B 73 -3.82 19.72 11.47
C LYS B 73 -5.11 19.96 10.72
N VAL B 74 -5.00 20.35 9.45
CA VAL B 74 -6.17 20.66 8.65
C VAL B 74 -6.35 19.76 7.45
N LEU B 75 -7.56 19.23 7.29
CA LEU B 75 -7.87 18.39 6.15
C LEU B 75 -8.64 19.27 5.15
N GLU B 76 -8.19 19.31 3.90
CA GLU B 76 -8.83 20.10 2.85
C GLU B 76 -9.32 19.22 1.69
N ILE B 77 -10.64 19.18 1.45
CA ILE B 77 -11.19 18.37 0.37
C ILE B 77 -11.36 19.17 -0.93
N GLY B 78 -10.44 19.00 -1.88
CA GLY B 78 -10.53 19.70 -3.13
C GLY B 78 -9.37 20.65 -3.39
N THR B 79 -8.15 20.12 -3.45
CA THR B 79 -6.96 20.93 -3.66
C THR B 79 -7.08 21.98 -4.76
N GLY B 80 -7.55 21.59 -5.93
CA GLY B 80 -7.67 22.55 -6.99
C GLY B 80 -6.32 23.12 -7.36
N ILE B 81 -6.24 24.45 -7.52
CA ILE B 81 -4.99 25.10 -7.91
C ILE B 81 -4.02 25.34 -6.76
N GLY B 82 -4.35 24.88 -5.56
CA GLY B 82 -3.45 25.04 -4.43
C GLY B 82 -3.37 26.34 -3.68
N TYR B 83 -4.01 27.40 -4.19
CA TYR B 83 -3.97 28.70 -3.51
C TYR B 83 -4.53 28.72 -2.07
N TYR B 84 -5.70 28.14 -1.84
CA TYR B 84 -6.22 28.15 -0.49
C TYR B 84 -5.40 27.19 0.37
N THR B 85 -4.78 26.21 -0.29
CA THR B 85 -3.97 25.24 0.40
C THR B 85 -2.78 26.03 0.96
N ALA B 86 -2.11 26.79 0.11
CA ALA B 86 -0.99 27.63 0.55
C ALA B 86 -1.35 28.51 1.78
N LEU B 87 -2.45 29.28 1.72
CA LEU B 87 -2.85 30.13 2.84
C LEU B 87 -3.03 29.37 4.16
N ILE B 88 -3.50 28.14 4.09
CA ILE B 88 -3.68 27.34 5.31
C ILE B 88 -2.29 26.89 5.83
N ALA B 89 -1.48 26.39 4.91
CA ALA B 89 -0.14 25.92 5.23
C ALA B 89 0.66 27.01 5.96
N GLU B 90 0.47 28.26 5.56
CA GLU B 90 1.16 29.38 6.20
C GLU B 90 0.80 29.50 7.69
N ILE B 91 -0.45 29.21 8.04
CA ILE B 91 -0.89 29.39 9.40
C ILE B 91 -0.73 28.17 10.28
N VAL B 92 -1.16 27.06 9.71
CA VAL B 92 -1.21 25.80 10.41
C VAL B 92 0.07 24.93 10.49
N ASP B 93 0.06 23.95 11.37
CA ASP B 93 1.21 23.06 11.49
C ASP B 93 1.29 22.21 10.23
N LYS B 94 0.31 21.30 10.08
CA LYS B 94 0.25 20.42 8.93
C LYS B 94 -1.07 20.46 8.15
N VAL B 95 -0.99 20.23 6.84
CA VAL B 95 -2.16 20.25 5.97
C VAL B 95 -2.23 19.02 5.07
N VAL B 96 -3.29 18.23 5.19
CA VAL B 96 -3.50 17.09 4.30
C VAL B 96 -4.56 17.54 3.30
N SER B 97 -4.25 17.50 2.01
CA SER B 97 -5.19 17.95 0.99
C SER B 97 -5.46 16.94 -0.13
N VAL B 98 -6.74 16.65 -0.37
CA VAL B 98 -7.15 15.68 -1.36
C VAL B 98 -7.72 16.26 -2.66
N GLU B 99 -7.36 15.67 -3.81
CA GLU B 99 -7.87 16.10 -5.10
C GLU B 99 -8.28 14.83 -5.89
N ILE B 100 -9.48 14.82 -6.46
CA ILE B 100 -9.95 13.64 -7.17
C ILE B 100 -9.64 13.61 -8.66
N ASN B 101 -9.45 14.80 -9.23
CA ASN B 101 -9.19 14.93 -10.66
C ASN B 101 -7.70 14.93 -10.89
N GLU B 102 -7.24 13.98 -11.68
CA GLU B 102 -5.83 13.86 -11.95
C GLU B 102 -5.18 15.07 -12.61
N LYS B 103 -5.77 15.60 -13.68
CA LYS B 103 -5.20 16.77 -14.34
C LYS B 103 -5.01 17.92 -13.37
N MSE B 104 -5.99 18.11 -12.49
CA MSE B 104 -5.94 19.14 -11.48
C MSE B 104 -4.80 18.86 -10.49
O MSE B 104 -4.05 19.77 -10.10
CB MSE B 104 -7.28 19.20 -10.73
CG MSE B 104 -7.39 20.33 -9.71
SE MSE B 104 -7.50 22.15 -10.45
CE MSE B 104 -7.41 21.80 -12.36
N TYR B 105 -4.68 17.60 -10.10
CA TYR B 105 -3.65 17.10 -9.17
C TYR B 105 -2.25 17.42 -9.73
N ASN B 106 -2.11 17.22 -11.04
CA ASN B 106 -0.86 17.47 -11.72
C ASN B 106 -0.52 18.95 -11.72
N TYR B 107 -1.47 19.76 -12.17
CA TYR B 107 -1.29 21.20 -12.26
C TYR B 107 -0.78 21.81 -10.97
N ALA B 108 -1.26 21.32 -9.83
CA ALA B 108 -0.83 21.89 -8.55
C ALA B 108 0.40 21.29 -7.90
N SER B 109 0.76 20.08 -8.30
CA SER B 109 1.93 19.35 -7.76
C SER B 109 3.19 20.23 -7.64
N LYS B 110 3.44 20.98 -8.70
CA LYS B 110 4.56 21.87 -8.83
C LYS B 110 4.43 23.21 -8.09
N LEU B 111 3.21 23.75 -8.02
CA LEU B 111 2.95 25.04 -7.38
C LEU B 111 3.08 25.15 -5.86
N LEU B 112 3.19 24.03 -5.16
CA LEU B 112 3.28 24.09 -3.69
C LEU B 112 4.63 23.63 -3.12
N SER B 113 5.64 23.56 -3.98
CA SER B 113 6.98 23.12 -3.59
C SER B 113 7.54 23.88 -2.39
N TYR B 114 7.39 25.19 -2.41
CA TYR B 114 7.86 26.04 -1.32
C TYR B 114 7.38 25.60 0.05
N TYR B 115 6.43 24.66 0.10
CA TYR B 115 5.92 24.26 1.40
C TYR B 115 6.40 22.88 1.80
N ASN B 116 6.60 22.68 3.09
CA ASN B 116 7.04 21.39 3.57
C ASN B 116 6.05 20.81 4.58
N ASN B 117 4.85 21.39 4.62
CA ASN B 117 3.84 20.93 5.56
C ASN B 117 2.50 20.64 4.92
N ILE B 118 2.53 20.29 3.63
CA ILE B 118 1.32 19.97 2.87
C ILE B 118 1.39 18.58 2.21
N LYS B 119 0.59 17.64 2.69
CA LYS B 119 0.53 16.31 2.09
C LYS B 119 -0.58 16.32 1.01
N LEU B 120 -0.19 16.12 -0.25
CA LEU B 120 -1.10 16.10 -1.37
C LEU B 120 -1.53 14.70 -1.84
N ILE B 121 -2.79 14.36 -1.61
CA ILE B 121 -3.39 13.08 -1.99
C ILE B 121 -4.23 13.14 -3.26
N LEU B 122 -4.09 12.13 -4.12
CA LEU B 122 -4.87 12.02 -5.36
C LEU B 122 -5.90 10.93 -5.05
N GLY B 123 -7.16 11.30 -4.80
CA GLY B 123 -8.14 10.29 -4.45
C GLY B 123 -9.53 10.82 -4.23
N ASP B 124 -10.41 9.98 -3.69
CA ASP B 124 -11.79 10.32 -3.43
C ASP B 124 -11.89 11.15 -2.16
N GLY B 125 -12.05 12.45 -2.32
CA GLY B 125 -12.13 13.32 -1.16
C GLY B 125 -13.30 13.00 -0.23
N THR B 126 -14.31 12.35 -0.78
CA THR B 126 -15.48 11.94 -0.02
C THR B 126 -15.10 11.00 1.13
N LEU B 127 -13.91 10.41 1.00
CA LEU B 127 -13.42 9.50 2.01
C LEU B 127 -12.58 10.26 3.02
N GLY B 128 -12.33 11.53 2.73
CA GLY B 128 -11.49 12.30 3.62
C GLY B 128 -10.14 11.63 3.55
N TYR B 129 -9.46 11.52 4.69
CA TYR B 129 -8.15 10.86 4.75
C TYR B 129 -7.88 10.30 6.14
N GLU B 130 -8.31 9.06 6.30
CA GLU B 130 -8.20 8.28 7.52
C GLU B 130 -6.86 8.35 8.22
N GLU B 131 -5.85 8.01 7.44
CA GLU B 131 -4.45 7.89 7.86
C GLU B 131 -3.74 9.00 8.62
N GLU B 132 -4.19 10.25 8.56
CA GLU B 132 -3.61 11.33 9.38
C GLU B 132 -4.81 11.81 10.17
N LYS B 133 -5.63 10.82 10.49
CA LYS B 133 -6.91 10.91 11.15
C LYS B 133 -7.36 12.08 11.95
N PRO B 134 -6.85 12.27 13.16
CA PRO B 134 -7.38 13.43 13.91
C PRO B 134 -7.12 14.79 13.27
N TYR B 135 -8.17 15.45 12.79
CA TYR B 135 -7.99 16.77 12.19
C TYR B 135 -8.64 17.82 13.09
N ASP B 136 -8.11 19.03 13.03
CA ASP B 136 -8.65 20.13 13.81
C ASP B 136 -9.73 20.84 13.01
N ARG B 137 -9.52 20.92 11.71
CA ARG B 137 -10.42 21.61 10.81
C ARG B 137 -10.52 20.86 9.48
N VAL B 138 -11.62 21.11 8.78
CA VAL B 138 -11.85 20.54 7.46
C VAL B 138 -12.61 21.56 6.59
N VAL B 139 -12.15 21.75 5.36
CA VAL B 139 -12.80 22.68 4.44
C VAL B 139 -13.10 21.88 3.20
N VAL B 140 -14.29 22.03 2.63
CA VAL B 140 -14.63 21.29 1.41
C VAL B 140 -14.95 22.36 0.37
N TRP B 141 -14.43 22.23 -0.84
CA TRP B 141 -14.67 23.24 -1.87
C TRP B 141 -15.62 22.80 -2.95
N ALA B 142 -16.59 21.98 -2.56
CA ALA B 142 -17.60 21.51 -3.49
C ALA B 142 -18.79 21.03 -2.67
N THR B 143 -19.99 21.16 -3.23
CA THR B 143 -21.19 20.78 -2.51
C THR B 143 -21.39 19.26 -2.44
N ALA B 144 -22.00 18.82 -1.35
CA ALA B 144 -22.28 17.40 -1.11
C ALA B 144 -23.79 17.15 -0.93
N PRO B 145 -24.25 15.91 -1.15
CA PRO B 145 -25.68 15.65 -0.96
C PRO B 145 -26.09 15.82 0.49
N THR B 146 -25.16 15.54 1.40
CA THR B 146 -25.43 15.67 2.84
C THR B 146 -24.08 15.95 3.48
N LEU B 147 -24.10 15.92 4.81
CA LEU B 147 -22.92 16.10 5.62
C LEU B 147 -21.95 14.97 5.25
N LEU B 148 -20.72 15.33 4.88
CA LEU B 148 -19.74 14.34 4.53
C LEU B 148 -19.32 13.61 5.80
N CYS B 149 -19.68 12.34 5.83
CA CYS B 149 -19.45 11.44 6.93
C CYS B 149 -17.99 11.11 7.29
N LYS B 150 -17.16 10.75 6.34
CA LYS B 150 -15.76 10.44 6.65
C LYS B 150 -15.04 11.65 7.25
N PRO B 151 -15.06 12.81 6.56
CA PRO B 151 -14.39 13.99 7.11
C PRO B 151 -14.89 14.25 8.53
N TYR B 152 -16.20 14.29 8.70
CA TYR B 152 -16.78 14.51 10.01
C TYR B 152 -16.25 13.51 11.05
N GLU B 153 -16.11 12.24 10.67
CA GLU B 153 -15.61 11.26 11.63
C GLU B 153 -14.15 11.55 11.96
N GLN B 154 -13.41 11.95 10.93
CA GLN B 154 -12.00 12.26 11.10
C GLN B 154 -11.73 13.56 11.92
N LEU B 155 -12.75 14.40 12.08
CA LEU B 155 -12.62 15.63 12.86
C LEU B 155 -12.36 15.35 14.34
N LYS B 156 -11.64 16.24 15.01
CA LYS B 156 -11.41 16.09 16.44
C LYS B 156 -12.73 16.42 17.10
N GLU B 157 -12.84 16.10 18.38
CA GLU B 157 -14.09 16.32 19.07
C GLU B 157 -14.65 17.72 18.94
N GLY B 158 -13.91 18.73 19.30
CA GLY B 158 -14.50 20.05 19.17
C GLY B 158 -14.16 20.69 17.85
N GLY B 159 -13.65 19.89 16.92
CA GLY B 159 -13.26 20.40 15.61
C GLY B 159 -14.32 21.20 14.90
N ILE B 160 -13.92 21.89 13.84
CA ILE B 160 -14.85 22.71 13.06
C ILE B 160 -14.71 22.33 11.63
N MSE B 161 -15.86 22.16 10.95
CA MSE B 161 -15.86 21.85 9.52
C MSE B 161 -16.75 22.81 8.76
O MSE B 161 -17.82 23.19 9.23
CB MSE B 161 -16.33 20.42 9.25
CG MSE B 161 -16.43 20.09 7.75
SE MSE B 161 -16.99 18.24 7.37
CE MSE B 161 -16.13 18.02 5.68
N ILE B 162 -16.29 23.22 7.58
CA ILE B 162 -17.06 24.11 6.73
C ILE B 162 -17.23 23.46 5.36
N LEU B 163 -18.48 23.33 4.90
CA LEU B 163 -18.77 22.76 3.58
C LEU B 163 -20.11 23.17 3.06
N PRO B 164 -20.30 23.15 1.73
CA PRO B 164 -21.58 23.49 1.09
C PRO B 164 -22.40 22.20 0.98
N ILE B 165 -23.62 22.22 1.50
CA ILE B 165 -24.48 21.05 1.40
C ILE B 165 -25.71 21.35 0.55
N GLY B 166 -25.99 20.50 -0.40
CA GLY B 166 -27.16 20.72 -1.21
C GLY B 166 -27.16 20.05 -2.57
N VAL B 167 -28.33 19.56 -2.94
CA VAL B 167 -28.53 18.98 -4.27
C VAL B 167 -29.09 20.25 -4.93
N GLY B 168 -29.16 20.34 -6.24
CA GLY B 168 -29.69 21.58 -6.78
C GLY B 168 -28.58 22.59 -6.98
N ARG B 169 -28.74 23.43 -7.99
CA ARG B 169 -27.74 24.41 -8.38
C ARG B 169 -27.44 25.57 -7.45
N VAL B 170 -28.05 25.60 -6.27
CA VAL B 170 -27.75 26.64 -5.29
C VAL B 170 -27.78 25.94 -3.94
N GLN B 171 -26.68 25.97 -3.20
CA GLN B 171 -26.63 25.25 -1.93
C GLN B 171 -26.49 26.16 -0.74
N LYS B 172 -26.12 25.59 0.40
CA LYS B 172 -25.95 26.38 1.61
C LYS B 172 -24.58 26.07 2.20
N LEU B 173 -23.91 27.11 2.72
CA LEU B 173 -22.59 26.98 3.33
C LEU B 173 -22.81 26.65 4.81
N TYR B 174 -22.22 25.56 5.29
CA TYR B 174 -22.42 25.21 6.68
C TYR B 174 -21.15 25.15 7.52
N LYS B 175 -21.25 25.68 8.73
CA LYS B 175 -20.13 25.64 9.66
C LYS B 175 -20.55 24.60 10.72
N VAL B 176 -19.84 23.49 10.73
CA VAL B 176 -20.15 22.38 11.62
C VAL B 176 -19.18 22.23 12.76
N ILE B 177 -19.67 22.23 13.99
CA ILE B 177 -18.79 22.04 15.13
C ILE B 177 -19.06 20.66 15.69
N LYS B 178 -18.08 19.78 15.65
CA LYS B 178 -18.30 18.44 16.13
C LYS B 178 -18.71 18.32 17.59
N LYS B 179 -19.66 17.43 17.84
CA LYS B 179 -20.18 17.14 19.18
C LYS B 179 -20.90 15.79 19.13
N GLY B 180 -20.14 14.69 19.02
CA GLY B 180 -20.76 13.39 18.94
C GLY B 180 -21.59 13.34 17.67
N ASN B 181 -22.84 12.87 17.77
CA ASN B 181 -23.70 12.83 16.60
C ASN B 181 -24.72 13.94 16.66
N SER B 182 -24.43 14.91 17.53
CA SER B 182 -25.28 16.09 17.72
C SER B 182 -24.43 17.33 17.42
N PRO B 183 -24.01 17.50 16.16
CA PRO B 183 -23.20 18.67 15.85
C PRO B 183 -24.06 19.91 15.95
N SER B 184 -23.44 21.06 15.72
CA SER B 184 -24.18 22.30 15.71
C SER B 184 -23.93 22.74 14.28
N LEU B 185 -24.99 23.04 13.54
CA LEU B 185 -24.81 23.46 12.16
C LEU B 185 -25.32 24.87 12.00
N GLU B 186 -24.46 25.74 11.50
CA GLU B 186 -24.81 27.13 11.31
C GLU B 186 -24.77 27.46 9.85
N ASN B 187 -25.92 27.83 9.32
CA ASN B 187 -26.05 28.22 7.92
C ASN B 187 -25.36 29.55 7.76
N LEU B 188 -24.34 29.60 6.93
CA LEU B 188 -23.61 30.83 6.69
C LEU B 188 -24.08 31.52 5.43
N GLY B 189 -25.10 30.97 4.77
CA GLY B 189 -25.57 31.61 3.56
C GLY B 189 -25.72 30.74 2.33
N GLU B 190 -26.24 31.34 1.27
CA GLU B 190 -26.45 30.64 0.02
C GLU B 190 -25.20 30.73 -0.81
N VAL B 191 -24.83 29.64 -1.48
CA VAL B 191 -23.63 29.61 -2.31
C VAL B 191 -23.90 28.74 -3.53
N MSE B 192 -22.99 28.78 -4.48
CA MSE B 192 -23.13 27.95 -5.68
C MSE B 192 -21.86 27.22 -6.05
O MSE B 192 -21.04 27.74 -6.81
CB MSE B 192 -23.56 28.79 -6.86
CG MSE B 192 -24.98 29.21 -6.80
SE MSE B 192 -25.44 30.30 -8.32
CE MSE B 192 -24.70 29.17 -9.76
N PHE B 193 -21.69 26.02 -5.52
CA PHE B 193 -20.50 25.23 -5.81
C PHE B 193 -20.83 24.11 -6.77
N GLY B 194 -19.79 23.56 -7.39
CA GLY B 194 -19.94 22.44 -8.30
C GLY B 194 -20.09 21.21 -7.41
N ARG B 195 -20.58 20.13 -7.97
CA ARG B 195 -20.81 18.91 -7.20
C ARG B 195 -19.57 18.11 -6.92
N ILE B 196 -19.47 17.60 -5.69
CA ILE B 196 -18.35 16.76 -5.28
C ILE B 196 -18.60 15.38 -5.86
N GLY B 197 -17.54 14.69 -6.26
CA GLY B 197 -17.71 13.37 -6.82
C GLY B 197 -17.18 12.33 -5.87
N GLY B 198 -17.57 11.07 -6.07
CA GLY B 198 -17.07 10.05 -5.17
C GLY B 198 -18.14 9.21 -4.52
N LEU B 199 -17.70 8.22 -3.77
CA LEU B 199 -18.57 7.29 -3.09
C LEU B 199 -19.79 7.96 -2.45
N TYR B 200 -19.55 9.01 -1.67
CA TYR B 200 -20.64 9.71 -1.00
C TYR B 200 -21.02 11.00 -1.73
N GLY B 201 -20.84 10.97 -3.04
CA GLY B 201 -21.16 12.08 -3.91
C GLY B 201 -22.59 11.94 -4.45
N PHE B 202 -22.86 12.42 -5.66
CA PHE B 202 -24.21 12.33 -6.15
C PHE B 202 -24.44 11.10 -7.00
N TYR B 203 -25.62 10.51 -6.85
CA TYR B 203 -26.02 9.32 -7.60
C TYR B 203 -27.02 9.60 -8.71
N ASP B 204 -27.53 10.82 -8.80
CA ASP B 204 -28.47 11.22 -9.86
C ASP B 204 -28.21 12.68 -10.26
N ASP B 205 -28.71 13.09 -11.41
CA ASP B 205 -28.49 14.44 -11.91
C ASP B 205 -29.39 15.49 -11.27
N TYR B 206 -29.06 16.75 -11.56
CA TYR B 206 -29.81 17.87 -11.01
C TYR B 206 -31.30 17.74 -11.23
N ASP B 207 -32.07 17.96 -10.17
CA ASP B 207 -33.51 17.82 -10.25
C ASP B 207 -34.34 19.11 -10.19
N ASP B 208 -34.05 20.06 -11.07
CA ASP B 208 -34.83 21.29 -11.12
C ASP B 208 -35.51 21.18 -12.46
N ILE B 209 -36.69 21.77 -12.56
CA ILE B 209 -37.50 21.72 -13.75
C ILE B 209 -36.77 22.16 -15.03
N GLU B 210 -35.76 23.01 -14.89
CA GLU B 210 -35.01 23.42 -16.08
C GLU B 210 -34.31 22.17 -16.62
N PHE B 211 -33.55 21.51 -15.75
CA PHE B 211 -32.83 20.32 -16.12
C PHE B 211 -33.69 19.22 -16.66
N ARG B 212 -34.81 18.96 -15.98
CA ARG B 212 -35.76 17.90 -16.35
C ARG B 212 -36.31 18.13 -17.77
N VAL B 213 -36.59 19.39 -18.08
CA VAL B 213 -37.11 19.78 -19.38
C VAL B 213 -36.03 19.63 -20.44
N ASN B 214 -34.81 20.08 -20.11
CA ASN B 214 -33.66 19.96 -21.01
C ASN B 214 -33.50 18.50 -21.39
N LYS B 215 -33.73 17.63 -20.44
CA LYS B 215 -33.61 16.20 -20.68
C LYS B 215 -34.74 15.71 -21.58
N LEU B 216 -35.96 16.10 -21.26
CA LEU B 216 -37.08 15.69 -22.06
C LEU B 216 -36.77 16.09 -23.50
N GLU B 217 -36.34 17.34 -23.69
CA GLU B 217 -35.99 17.85 -25.01
C GLU B 217 -34.87 17.04 -25.67
N ARG B 218 -33.99 16.48 -24.85
CA ARG B 218 -32.89 15.69 -25.36
C ARG B 218 -33.45 14.37 -25.89
N GLN B 219 -34.27 13.72 -25.07
CA GLN B 219 -34.86 12.44 -25.42
C GLN B 219 -35.80 12.51 -26.62
N ILE B 220 -36.68 13.51 -26.65
CA ILE B 220 -37.59 13.61 -27.79
C ILE B 220 -36.78 13.84 -29.05
N LYS B 221 -35.66 14.54 -28.92
CA LYS B 221 -34.81 14.81 -30.06
C LYS B 221 -34.26 13.48 -30.58
N SER B 222 -33.97 12.58 -29.66
CA SER B 222 -33.42 11.27 -30.02
C SER B 222 -34.49 10.25 -30.36
N ILE B 223 -35.69 10.41 -29.80
CA ILE B 223 -36.75 9.46 -30.09
C ILE B 223 -37.19 9.70 -31.53
N LEU B 224 -37.05 10.95 -31.97
CA LEU B 224 -37.42 11.31 -33.33
C LEU B 224 -36.40 10.76 -34.29
N ASP B 225 -35.78 9.67 -33.88
CA ASP B 225 -34.80 8.95 -34.67
C ASP B 225 -35.66 7.81 -35.21
N ASN B 226 -36.75 7.54 -34.48
CA ASN B 226 -37.70 6.51 -34.83
C ASN B 226 -38.68 7.07 -35.86
N ALA C 1 34.91 26.98 13.10
CA ALA C 1 33.86 26.58 12.11
C ALA C 1 33.13 25.35 12.64
N SER C 2 31.81 25.46 12.80
CA SER C 2 31.01 24.35 13.31
C SER C 2 31.17 23.06 12.51
N GLU C 3 30.81 21.94 13.13
CA GLU C 3 30.89 20.65 12.47
C GLU C 3 29.96 20.62 11.26
N LYS C 4 28.87 21.38 11.33
CA LYS C 4 27.90 21.48 10.26
C LYS C 4 28.50 22.24 9.09
N GLU C 5 29.26 23.28 9.41
CA GLU C 5 29.89 24.13 8.41
C GLU C 5 31.02 23.38 7.71
N GLU C 6 31.70 22.51 8.44
CA GLU C 6 32.80 21.77 7.85
C GLU C 6 32.30 20.78 6.81
N ILE C 7 31.33 19.97 7.19
CA ILE C 7 30.75 18.98 6.27
C ILE C 7 30.21 19.72 5.07
N LEU C 8 29.43 20.78 5.33
CA LEU C 8 28.83 21.55 4.26
C LEU C 8 29.77 21.90 3.13
N ARG C 9 30.83 22.61 3.42
CA ARG C 9 31.70 23.01 2.34
C ARG C 9 32.53 21.95 1.65
N LYS C 10 32.42 20.70 2.10
CA LYS C 10 33.14 19.62 1.42
C LYS C 10 32.21 19.06 0.34
N ILE C 11 30.94 19.41 0.41
CA ILE C 11 29.96 18.92 -0.55
C ILE C 11 30.20 19.52 -1.94
N LYS C 12 30.34 18.65 -2.94
CA LYS C 12 30.57 19.11 -4.30
C LYS C 12 29.30 19.22 -5.10
N THR C 13 28.32 18.37 -4.79
CA THR C 13 27.05 18.43 -5.49
C THR C 13 26.24 19.58 -4.91
N GLN C 14 26.16 20.66 -5.67
CA GLN C 14 25.47 21.85 -5.20
C GLN C 14 24.09 21.59 -4.59
N GLU C 15 23.23 20.89 -5.33
CA GLU C 15 21.88 20.56 -4.82
C GLU C 15 21.95 19.84 -3.46
N LEU C 16 23.04 19.11 -3.24
CA LEU C 16 23.21 18.37 -2.00
C LEU C 16 23.51 19.35 -0.89
N ALA C 17 24.40 20.31 -1.16
CA ALA C 17 24.73 21.32 -0.16
C ALA C 17 23.47 22.07 0.25
N GLU C 18 22.69 22.53 -0.73
CA GLU C 18 21.45 23.25 -0.44
C GLU C 18 20.53 22.41 0.41
N ALA C 19 20.30 21.16 0.01
CA ALA C 19 19.43 20.28 0.76
C ALA C 19 19.96 20.11 2.18
N PHE C 20 21.26 19.88 2.29
CA PHE C 20 21.88 19.72 3.60
C PHE C 20 21.63 20.95 4.45
N ASN C 21 21.55 22.09 3.80
CA ASN C 21 21.32 23.31 4.52
C ASN C 21 19.88 23.47 4.87
N LYS C 22 19.00 22.94 4.04
CA LYS C 22 17.56 23.07 4.28
C LYS C 22 16.89 22.08 5.24
N VAL C 23 17.18 20.78 5.13
CA VAL C 23 16.55 19.78 6.01
C VAL C 23 17.08 19.76 7.44
N ASP C 24 16.25 20.10 8.42
CA ASP C 24 16.72 20.11 9.79
C ASP C 24 16.78 18.69 10.33
N ARG C 25 17.99 18.22 10.61
CA ARG C 25 18.17 16.86 11.08
C ARG C 25 17.59 16.54 12.44
N SER C 26 17.64 17.49 13.35
CA SER C 26 17.11 17.25 14.70
C SER C 26 15.65 16.83 14.70
N LEU C 27 14.97 17.07 13.59
CA LEU C 27 13.57 16.69 13.45
C LEU C 27 13.39 15.18 13.30
N PHE C 28 14.43 14.49 12.85
CA PHE C 28 14.34 13.05 12.63
C PHE C 28 14.86 12.20 13.79
N LEU C 29 15.55 12.85 14.72
CA LEU C 29 16.12 12.18 15.88
C LEU C 29 15.19 12.20 17.10
N PRO C 30 15.32 11.20 17.99
CA PRO C 30 14.46 11.18 19.18
C PRO C 30 15.02 12.23 20.14
N GLU C 31 14.24 12.56 21.17
CA GLU C 31 14.63 13.56 22.16
C GLU C 31 16.05 13.38 22.70
N ASN C 32 16.38 12.14 23.10
CA ASN C 32 17.69 11.81 23.64
C ASN C 32 18.86 12.12 22.71
N LEU C 33 18.63 12.04 21.40
CA LEU C 33 19.70 12.31 20.46
C LEU C 33 19.66 13.67 19.80
N LYS C 34 18.68 14.49 20.15
CA LYS C 34 18.58 15.81 19.53
C LYS C 34 19.91 16.58 19.57
N ASP C 35 20.65 16.42 20.65
CA ASP C 35 21.92 17.12 20.77
C ASP C 35 22.95 16.71 19.73
N TYR C 36 22.75 15.53 19.12
CA TYR C 36 23.70 15.06 18.13
C TYR C 36 23.35 15.47 16.71
N ALA C 37 22.36 16.32 16.56
CA ALA C 37 21.96 16.76 15.23
C ALA C 37 23.16 17.23 14.42
N TYR C 38 23.93 18.14 15.01
CA TYR C 38 25.11 18.63 14.30
C TYR C 38 26.33 18.75 15.21
N ALA C 39 26.51 17.71 16.02
CA ALA C 39 27.63 17.60 16.95
C ALA C 39 27.97 16.12 17.04
N HIS C 40 29.26 15.81 17.13
CA HIS C 40 29.68 14.42 17.18
C HIS C 40 29.28 13.82 15.85
N THR C 41 29.58 14.60 14.83
CA THR C 41 29.34 14.30 13.44
C THR C 41 29.82 12.94 12.97
N HIS C 42 31.01 12.52 13.43
CA HIS C 42 31.56 11.23 13.00
C HIS C 42 31.04 10.01 13.74
N GLU C 43 29.97 10.14 14.53
CA GLU C 43 29.44 9.00 15.27
C GLU C 43 28.10 8.45 14.79
N ALA C 44 27.99 7.13 14.68
CA ALA C 44 26.71 6.54 14.30
C ALA C 44 25.88 6.80 15.54
N LEU C 45 24.57 6.81 15.45
CA LEU C 45 23.75 7.06 16.63
C LEU C 45 22.76 5.93 16.82
N PRO C 46 22.56 5.50 18.07
CA PRO C 46 21.63 4.42 18.41
C PRO C 46 20.20 4.81 18.17
N ILE C 47 19.43 3.93 17.51
CA ILE C 47 18.01 4.18 17.24
C ILE C 47 17.17 2.98 17.63
N LEU C 48 17.74 1.80 17.52
CA LEU C 48 17.03 0.58 17.85
C LEU C 48 18.04 -0.52 18.12
N PRO C 49 17.67 -1.51 18.93
CA PRO C 49 18.60 -2.60 19.24
C PRO C 49 19.26 -3.08 17.93
N GLY C 50 20.57 -2.95 17.83
CA GLY C 50 21.23 -3.39 16.62
C GLY C 50 21.03 -2.56 15.36
N ILE C 51 20.49 -1.35 15.50
CA ILE C 51 20.26 -0.47 14.36
C ILE C 51 20.67 0.97 14.70
N ASN C 52 21.58 1.51 13.90
CA ASN C 52 22.08 2.87 14.09
C ASN C 52 21.87 3.73 12.85
N THR C 53 22.09 5.04 12.98
CA THR C 53 21.98 5.92 11.83
C THR C 53 23.41 6.25 11.48
N THR C 54 23.72 6.15 10.19
CA THR C 54 25.05 6.43 9.72
C THR C 54 25.57 7.78 10.17
N ALA C 55 26.81 7.81 10.64
CA ALA C 55 27.43 9.05 11.05
C ALA C 55 27.18 10.06 9.94
N LEU C 56 26.84 11.28 10.33
CA LEU C 56 26.55 12.35 9.40
C LEU C 56 27.60 12.54 8.32
N ASN C 57 28.84 12.78 8.75
CA ASN C 57 29.92 13.01 7.78
C ASN C 57 29.98 11.90 6.72
N LEU C 58 29.86 10.65 7.14
CA LEU C 58 29.88 9.52 6.21
C LEU C 58 28.64 9.59 5.30
N GLY C 59 27.51 9.88 5.93
CA GLY C 59 26.25 9.99 5.23
C GLY C 59 26.29 10.99 4.09
N ILE C 60 26.62 12.23 4.41
CA ILE C 60 26.65 13.24 3.37
C ILE C 60 27.70 12.93 2.29
N PHE C 61 28.77 12.26 2.70
CA PHE C 61 29.81 11.88 1.75
C PHE C 61 29.21 10.89 0.76
N MSE C 62 28.59 9.85 1.28
CA MSE C 62 27.98 8.86 0.42
C MSE C 62 26.96 9.48 -0.55
O MSE C 62 26.95 9.15 -1.75
CB MSE C 62 27.32 7.77 1.27
CG MSE C 62 28.35 6.93 1.98
SE MSE C 62 27.64 5.41 2.93
CE MSE C 62 27.54 6.25 4.63
N LEU C 63 26.13 10.41 -0.07
CA LEU C 63 25.16 11.05 -0.95
C LEU C 63 25.92 11.94 -1.91
N ASP C 64 26.97 12.58 -1.42
CA ASP C 64 27.70 13.46 -2.31
C ASP C 64 28.28 12.64 -3.42
N GLU C 65 28.62 11.38 -3.13
CA GLU C 65 29.19 10.51 -4.14
C GLU C 65 28.17 10.01 -5.13
N LEU C 66 26.94 9.82 -4.65
CA LEU C 66 25.85 9.33 -5.47
C LEU C 66 25.60 10.19 -6.69
N ASP C 67 26.10 11.43 -6.65
CA ASP C 67 25.91 12.36 -7.75
C ASP C 67 24.41 12.56 -8.06
N LEU C 68 23.70 13.22 -7.14
CA LEU C 68 22.27 13.43 -7.28
C LEU C 68 21.92 14.69 -8.08
N HIS C 69 20.92 14.57 -8.95
CA HIS C 69 20.46 15.69 -9.78
C HIS C 69 18.94 15.72 -9.95
N LYS C 70 18.42 16.85 -10.41
CA LYS C 70 16.99 16.95 -10.61
C LYS C 70 16.59 15.84 -11.58
N GLY C 71 15.34 15.40 -11.52
CA GLY C 71 14.89 14.39 -12.46
C GLY C 71 15.12 12.91 -12.17
N GLN C 72 16.14 12.58 -11.39
CA GLN C 72 16.43 11.18 -11.12
C GLN C 72 15.38 10.42 -10.35
N LYS C 73 15.42 9.11 -10.45
CA LYS C 73 14.54 8.24 -9.72
C LYS C 73 15.55 7.47 -8.89
N VAL C 74 15.45 7.57 -7.57
CA VAL C 74 16.41 6.89 -6.72
C VAL C 74 15.81 5.78 -5.89
N LEU C 75 16.58 4.70 -5.73
CA LEU C 75 16.15 3.57 -4.90
C LEU C 75 17.00 3.63 -3.63
N GLU C 76 16.39 3.60 -2.46
CA GLU C 76 17.16 3.62 -1.22
C GLU C 76 16.87 2.36 -0.42
N ILE C 77 17.94 1.65 -0.05
CA ILE C 77 17.79 0.44 0.73
C ILE C 77 18.18 0.66 2.17
N GLY C 78 17.15 0.78 3.02
CA GLY C 78 17.33 1.05 4.43
C GLY C 78 16.89 2.48 4.76
N THR C 79 15.57 2.67 4.93
CA THR C 79 15.03 4.01 5.22
C THR C 79 15.61 4.55 6.51
N GLY C 80 15.62 3.72 7.55
CA GLY C 80 16.15 4.21 8.80
C GLY C 80 15.25 5.28 9.36
N ILE C 81 15.83 6.38 9.80
CA ILE C 81 15.06 7.47 10.39
C ILE C 81 14.49 8.44 9.35
N GLY C 82 14.77 8.21 8.08
CA GLY C 82 14.23 9.08 7.05
C GLY C 82 15.05 10.31 6.72
N TYR C 83 15.96 10.71 7.62
CA TYR C 83 16.76 11.89 7.34
C TYR C 83 17.41 11.88 5.95
N TYR C 84 18.14 10.84 5.60
CA TYR C 84 18.77 10.80 4.28
C TYR C 84 17.73 10.72 3.16
N THR C 85 16.62 10.05 3.43
CA THR C 85 15.58 9.95 2.43
C THR C 85 15.10 11.36 2.11
N ALA C 86 14.99 12.20 3.13
CA ALA C 86 14.54 13.57 2.93
C ALA C 86 15.55 14.38 2.13
N LEU C 87 16.84 14.19 2.39
CA LEU C 87 17.82 14.98 1.62
C LEU C 87 17.74 14.61 0.16
N ILE C 88 17.41 13.35 -0.14
CA ILE C 88 17.32 12.91 -1.52
C ILE C 88 16.05 13.46 -2.17
N ALA C 89 14.93 13.37 -1.45
CA ALA C 89 13.67 13.85 -1.96
C ALA C 89 13.72 15.34 -2.34
N GLU C 90 14.59 16.08 -1.65
CA GLU C 90 14.76 17.50 -1.89
C GLU C 90 15.44 17.82 -3.20
N ILE C 91 16.02 16.82 -3.84
CA ILE C 91 16.76 17.02 -5.11
C ILE C 91 16.13 16.26 -6.26
N VAL C 92 16.03 14.97 -6.02
CA VAL C 92 15.51 14.00 -6.94
C VAL C 92 14.03 14.16 -7.25
N ASP C 93 13.63 13.62 -8.40
CA ASP C 93 12.25 13.64 -8.80
C ASP C 93 11.41 12.69 -7.94
N LYS C 94 11.83 11.44 -7.86
CA LYS C 94 11.12 10.47 -7.04
C LYS C 94 12.08 9.53 -6.32
N VAL C 95 11.73 9.16 -5.09
CA VAL C 95 12.54 8.27 -4.28
C VAL C 95 11.73 7.08 -3.82
N VAL C 96 12.27 5.88 -3.98
CA VAL C 96 11.61 4.68 -3.46
C VAL C 96 12.57 4.18 -2.38
N SER C 97 12.08 4.01 -1.17
CA SER C 97 12.92 3.56 -0.07
C SER C 97 12.33 2.31 0.62
N VAL C 98 13.18 1.30 0.83
CA VAL C 98 12.70 0.08 1.47
C VAL C 98 13.26 -0.02 2.87
N GLU C 99 12.47 -0.55 3.79
CA GLU C 99 12.90 -0.70 5.16
C GLU C 99 12.38 -2.06 5.60
N ILE C 100 13.25 -2.91 6.11
CA ILE C 100 12.83 -4.25 6.52
C ILE C 100 12.24 -4.35 7.95
N ASN C 101 12.65 -3.43 8.84
CA ASN C 101 12.19 -3.44 10.21
C ASN C 101 10.93 -2.62 10.31
N GLU C 102 9.87 -3.19 10.87
CA GLU C 102 8.62 -2.46 10.96
C GLU C 102 8.64 -1.25 11.88
N LYS C 103 9.24 -1.41 13.06
CA LYS C 103 9.32 -0.32 14.01
C LYS C 103 10.07 0.84 13.40
N MSE C 104 11.14 0.54 12.66
CA MSE C 104 11.89 1.61 12.02
C MSE C 104 11.02 2.18 10.91
O MSE C 104 11.04 3.37 10.64
CB MSE C 104 13.17 1.06 11.42
CG MSE C 104 14.40 1.34 12.27
SE MSE C 104 14.93 3.20 12.38
CE MSE C 104 16.73 3.06 11.66
N TYR C 105 10.27 1.30 10.27
CA TYR C 105 9.39 1.68 9.18
C TYR C 105 8.35 2.66 9.66
N ASN C 106 7.73 2.39 10.80
CA ASN C 106 6.72 3.26 11.35
C ASN C 106 7.31 4.61 11.73
N TYR C 107 8.37 4.58 12.52
CA TYR C 107 9.02 5.79 12.98
C TYR C 107 9.32 6.73 11.85
N ALA C 108 9.70 6.18 10.70
CA ALA C 108 10.06 7.01 9.55
C ALA C 108 8.88 7.48 8.74
N SER C 109 7.81 6.70 8.73
CA SER C 109 6.61 7.05 7.98
C SER C 109 5.98 8.34 8.48
N LYS C 110 5.96 8.53 9.79
CA LYS C 110 5.37 9.73 10.35
C LYS C 110 6.23 10.95 9.94
N LEU C 111 7.54 10.81 10.02
CA LEU C 111 8.41 11.91 9.68
C LEU C 111 8.50 12.26 8.19
N LEU C 112 8.07 11.36 7.32
CA LEU C 112 8.14 11.63 5.89
C LEU C 112 6.78 11.80 5.21
N SER C 113 5.70 11.80 6.00
CA SER C 113 4.35 11.94 5.47
C SER C 113 4.10 13.16 4.59
N TYR C 114 4.74 14.29 4.88
CA TYR C 114 4.51 15.50 4.09
C TYR C 114 5.53 15.72 3.01
N TYR C 115 6.08 14.61 2.53
CA TYR C 115 7.02 14.60 1.43
C TYR C 115 6.21 13.88 0.35
N ASN C 116 5.95 14.54 -0.77
CA ASN C 116 5.13 13.88 -1.76
C ASN C 116 5.84 13.07 -2.83
N ASN C 117 7.16 13.12 -2.87
CA ASN C 117 7.87 12.34 -3.87
C ASN C 117 8.62 11.18 -3.28
N ILE C 118 8.11 10.60 -2.19
CA ILE C 118 8.76 9.46 -1.52
C ILE C 118 7.81 8.27 -1.30
N LYS C 119 8.10 7.15 -1.94
CA LYS C 119 7.29 5.96 -1.76
C LYS C 119 8.04 5.05 -0.79
N LEU C 120 7.51 4.85 0.40
CA LEU C 120 8.17 3.99 1.38
C LEU C 120 7.60 2.60 1.34
N ILE C 121 8.47 1.59 1.30
CA ILE C 121 8.04 0.20 1.27
C ILE C 121 8.53 -0.58 2.50
N LEU C 122 7.67 -1.42 3.05
CA LEU C 122 8.01 -2.25 4.18
C LEU C 122 8.28 -3.66 3.65
N GLY C 123 9.54 -3.96 3.38
CA GLY C 123 9.87 -5.27 2.87
C GLY C 123 11.36 -5.53 2.84
N ASP C 124 11.76 -6.60 2.13
CA ASP C 124 13.13 -7.04 2.01
C ASP C 124 13.95 -6.13 1.08
N GLY C 125 14.72 -5.21 1.64
CA GLY C 125 15.49 -4.31 0.80
C GLY C 125 16.44 -5.02 -0.13
N THR C 126 16.73 -6.27 0.19
CA THR C 126 17.64 -7.09 -0.59
C THR C 126 17.04 -7.48 -1.96
N LEU C 127 15.74 -7.24 -2.10
CA LEU C 127 15.02 -7.50 -3.34
C LEU C 127 14.86 -6.21 -4.14
N GLY C 128 15.35 -5.11 -3.59
CA GLY C 128 15.19 -3.83 -4.25
C GLY C 128 13.70 -3.56 -4.35
N TYR C 129 13.28 -2.97 -5.45
CA TYR C 129 11.87 -2.74 -5.68
C TYR C 129 11.70 -2.69 -7.18
N GLU C 130 11.60 -3.89 -7.75
CA GLU C 130 11.49 -4.08 -9.19
C GLU C 130 10.29 -3.40 -9.82
N GLU C 131 9.22 -3.22 -9.07
CA GLU C 131 8.01 -2.61 -9.60
C GLU C 131 8.11 -1.19 -10.15
N GLU C 132 9.20 -0.49 -9.85
CA GLU C 132 9.43 0.88 -10.37
C GLU C 132 10.80 0.83 -11.01
N LYS C 133 11.10 -0.39 -11.44
CA LYS C 133 12.33 -0.80 -12.06
C LYS C 133 13.46 0.11 -12.46
N PRO C 134 13.32 0.89 -13.54
CA PRO C 134 14.51 1.71 -13.83
C PRO C 134 14.86 2.78 -12.77
N TYR C 135 16.06 2.70 -12.21
CA TYR C 135 16.50 3.67 -11.23
C TYR C 135 17.79 4.28 -11.76
N ASP C 136 18.05 5.54 -11.46
CA ASP C 136 19.27 6.19 -11.91
C ASP C 136 20.38 6.08 -10.85
N ARG C 137 19.96 5.94 -9.59
CA ARG C 137 20.89 5.85 -8.47
C ARG C 137 20.35 4.87 -7.44
N VAL C 138 21.25 4.33 -6.61
CA VAL C 138 20.87 3.41 -5.54
C VAL C 138 21.85 3.59 -4.38
N VAL C 139 21.35 3.55 -3.15
CA VAL C 139 22.21 3.68 -1.96
C VAL C 139 21.80 2.66 -0.93
N VAL C 140 22.78 1.95 -0.37
CA VAL C 140 22.49 0.94 0.66
C VAL C 140 23.12 1.35 1.96
N TRP C 141 22.39 1.26 3.05
CA TRP C 141 22.95 1.66 4.34
C TRP C 141 23.33 0.49 5.27
N ALA C 142 23.61 -0.65 4.67
CA ALA C 142 24.03 -1.80 5.43
C ALA C 142 25.05 -2.49 4.54
N THR C 143 25.91 -3.33 5.11
CA THR C 143 26.89 -4.01 4.27
C THR C 143 26.28 -5.35 3.78
N ALA C 144 26.76 -5.80 2.62
CA ALA C 144 26.26 -7.04 2.02
C ALA C 144 27.36 -8.10 1.79
N PRO C 145 26.96 -9.37 1.71
CA PRO C 145 27.90 -10.49 1.49
C PRO C 145 28.68 -10.30 0.20
N THR C 146 27.98 -9.83 -0.81
CA THR C 146 28.56 -9.60 -2.14
C THR C 146 27.73 -8.48 -2.80
N LEU C 147 27.99 -8.18 -4.06
CA LEU C 147 27.22 -7.17 -4.79
C LEU C 147 25.75 -7.55 -4.74
N LEU C 148 24.86 -6.60 -4.41
CA LEU C 148 23.42 -6.90 -4.35
C LEU C 148 22.89 -6.97 -5.78
N CYS C 149 22.37 -8.13 -6.11
CA CYS C 149 21.87 -8.46 -7.42
C CYS C 149 20.64 -7.67 -7.84
N LYS C 150 19.51 -7.89 -7.17
CA LYS C 150 18.27 -7.20 -7.48
C LYS C 150 18.44 -5.69 -7.70
N PRO C 151 19.01 -4.99 -6.72
CA PRO C 151 19.17 -3.55 -6.95
C PRO C 151 19.96 -3.29 -8.24
N TYR C 152 21.13 -3.88 -8.35
CA TYR C 152 21.99 -3.71 -9.53
C TYR C 152 21.24 -4.00 -10.86
N GLU C 153 20.42 -5.03 -10.89
CA GLU C 153 19.66 -5.33 -12.08
C GLU C 153 18.73 -4.15 -12.38
N GLN C 154 18.05 -3.67 -11.33
CA GLN C 154 17.11 -2.56 -11.44
C GLN C 154 17.74 -1.23 -11.76
N LEU C 155 19.06 -1.16 -11.75
CA LEU C 155 19.72 0.08 -12.08
C LEU C 155 19.60 0.40 -13.59
N LYS C 156 19.71 1.68 -13.96
CA LYS C 156 19.65 2.04 -15.37
C LYS C 156 21.06 1.68 -15.85
N GLU C 157 21.28 1.63 -17.16
CA GLU C 157 22.57 1.24 -17.69
C GLU C 157 23.77 2.10 -17.28
N GLY C 158 23.60 3.39 -17.13
CA GLY C 158 24.74 4.17 -16.68
C GLY C 158 24.63 4.45 -15.19
N GLY C 159 23.62 3.84 -14.58
CA GLY C 159 23.33 4.02 -13.17
C GLY C 159 24.46 3.91 -12.18
N ILE C 160 24.29 4.53 -11.01
CA ILE C 160 25.31 4.47 -9.98
C ILE C 160 24.75 3.93 -8.70
N MSE C 161 25.49 3.01 -8.09
CA MSE C 161 25.07 2.42 -6.82
C MSE C 161 26.19 2.55 -5.82
O MSE C 161 27.35 2.40 -6.16
CB MSE C 161 24.70 0.95 -6.98
CG MSE C 161 24.35 0.32 -5.67
SE MSE C 161 23.71 -1.51 -5.78
CE MSE C 161 22.33 -1.52 -4.43
N ILE C 162 25.84 2.86 -4.59
CA ILE C 162 26.83 2.97 -3.54
C ILE C 162 26.41 2.12 -2.37
N LEU C 163 27.22 1.11 -2.07
CA LEU C 163 26.95 0.20 -0.96
C LEU C 163 28.21 -0.33 -0.32
N PRO C 164 28.07 -0.91 0.87
CA PRO C 164 29.20 -1.47 1.58
C PRO C 164 29.23 -2.96 1.27
N ILE C 165 30.38 -3.47 0.88
CA ILE C 165 30.48 -4.90 0.60
C ILE C 165 31.50 -5.56 1.52
N GLY C 166 31.10 -6.67 2.14
CA GLY C 166 32.01 -7.37 3.01
C GLY C 166 31.45 -8.06 4.23
N VAL C 167 32.21 -9.02 4.74
CA VAL C 167 31.84 -9.74 5.94
C VAL C 167 32.76 -9.17 7.01
N GLY C 168 32.48 -9.46 8.27
CA GLY C 168 33.37 -8.94 9.31
C GLY C 168 33.15 -7.48 9.67
N ARG C 169 33.46 -7.17 10.93
CA ARG C 169 33.29 -5.84 11.48
C ARG C 169 33.72 -4.65 10.61
N VAL C 170 34.53 -4.87 9.61
CA VAL C 170 34.91 -3.76 8.75
C VAL C 170 34.72 -4.19 7.30
N GLN C 171 34.17 -3.28 6.49
CA GLN C 171 33.92 -3.54 5.08
C GLN C 171 34.43 -2.41 4.22
N LYS C 172 34.22 -2.55 2.92
CA LYS C 172 34.62 -1.53 1.96
C LYS C 172 33.40 -0.87 1.32
N LEU C 173 33.53 0.44 1.12
CA LEU C 173 32.47 1.26 0.54
C LEU C 173 32.68 1.34 -0.95
N TYR C 174 31.80 0.72 -1.70
CA TYR C 174 31.92 0.73 -3.15
C TYR C 174 31.03 1.67 -3.98
N LYS C 175 31.62 2.29 -4.98
CA LYS C 175 30.90 3.14 -5.90
C LYS C 175 30.78 2.30 -7.18
N VAL C 176 29.67 1.59 -7.34
CA VAL C 176 29.44 0.74 -8.51
C VAL C 176 28.78 1.48 -9.66
N ILE C 177 29.29 1.32 -10.88
CA ILE C 177 28.70 1.95 -12.06
C ILE C 177 28.31 0.85 -13.03
N LYS C 178 27.02 0.72 -13.30
CA LYS C 178 26.51 -0.34 -14.16
C LYS C 178 27.01 -0.37 -15.58
N LYS C 179 27.48 -1.55 -15.96
CA LYS C 179 27.96 -1.85 -17.29
C LYS C 179 27.82 -3.34 -17.48
N GLY C 180 26.63 -3.74 -17.89
CA GLY C 180 26.34 -5.14 -18.12
C GLY C 180 26.54 -6.00 -16.89
N ASN C 181 27.55 -6.87 -16.95
CA ASN C 181 27.86 -7.76 -15.86
C ASN C 181 29.31 -7.51 -15.48
N SER C 182 29.82 -6.39 -15.97
CA SER C 182 31.18 -6.01 -15.69
C SER C 182 31.14 -4.58 -15.18
N PRO C 183 30.55 -4.38 -13.99
CA PRO C 183 30.47 -3.04 -13.43
C PRO C 183 31.88 -2.58 -13.06
N SER C 184 32.04 -1.30 -12.78
CA SER C 184 33.33 -0.80 -12.34
C SER C 184 33.20 -0.47 -10.86
N LEU C 185 33.79 -1.26 -9.99
CA LEU C 185 33.70 -1.01 -8.57
C LEU C 185 34.85 -0.19 -8.03
N GLU C 186 34.60 1.07 -7.73
CA GLU C 186 35.62 1.95 -7.17
C GLU C 186 35.54 1.88 -5.64
N ASN C 187 36.64 1.60 -4.98
CA ASN C 187 36.60 1.55 -3.53
C ASN C 187 36.73 2.98 -3.05
N LEU C 188 35.83 3.37 -2.14
CA LEU C 188 35.84 4.73 -1.61
C LEU C 188 36.45 4.82 -0.23
N GLY C 189 36.69 3.68 0.40
CA GLY C 189 37.26 3.65 1.73
C GLY C 189 36.70 2.54 2.58
N GLU C 190 37.14 2.49 3.82
CA GLU C 190 36.70 1.45 4.75
C GLU C 190 35.60 2.00 5.63
N VAL C 191 34.59 1.17 5.92
CA VAL C 191 33.49 1.61 6.73
C VAL C 191 33.08 0.52 7.68
N MSE C 192 32.13 0.85 8.56
CA MSE C 192 31.62 -0.10 9.51
C MSE C 192 30.11 -0.07 9.56
O MSE C 192 29.53 0.70 10.30
CB MSE C 192 32.15 0.18 10.88
CG MSE C 192 33.45 -0.50 11.15
SE MSE C 192 34.04 -0.11 12.92
CE MSE C 192 35.14 1.45 12.48
N PHE C 193 29.48 -0.92 8.77
CA PHE C 193 28.02 -0.96 8.75
C PHE C 193 27.50 -2.22 9.37
N GLY C 194 26.22 -2.16 9.74
CA GLY C 194 25.56 -3.32 10.29
C GLY C 194 25.33 -4.19 9.10
N ARG C 195 24.90 -5.42 9.33
CA ARG C 195 24.67 -6.36 8.25
C ARG C 195 23.26 -6.29 7.72
N ILE C 196 23.16 -6.26 6.40
CA ILE C 196 21.88 -6.21 5.72
C ILE C 196 21.18 -7.53 5.90
N GLY C 197 19.87 -7.48 6.08
CA GLY C 197 19.10 -8.70 6.22
C GLY C 197 18.40 -9.09 4.92
N GLY C 198 17.57 -10.12 4.97
CA GLY C 198 16.85 -10.55 3.79
C GLY C 198 17.41 -11.73 2.98
N LEU C 199 16.61 -12.19 2.04
CA LEU C 199 16.92 -13.30 1.16
C LEU C 199 18.37 -13.33 0.67
N TYR C 200 18.90 -12.18 0.23
CA TYR C 200 20.26 -12.10 -0.28
C TYR C 200 21.17 -11.41 0.70
N GLY C 201 20.94 -11.69 1.99
CA GLY C 201 21.76 -11.11 3.05
C GLY C 201 22.80 -12.09 3.57
N PHE C 202 23.04 -12.12 4.88
CA PHE C 202 24.02 -13.04 5.44
C PHE C 202 23.34 -14.30 5.95
N TYR C 203 24.00 -15.45 5.77
CA TYR C 203 23.42 -16.71 6.22
C TYR C 203 24.24 -17.39 7.32
N ASP C 204 25.28 -16.71 7.78
CA ASP C 204 26.12 -17.24 8.83
C ASP C 204 26.56 -16.05 9.67
N ASP C 205 26.75 -16.27 10.97
CA ASP C 205 27.10 -15.18 11.85
C ASP C 205 28.39 -14.44 11.61
N TYR C 206 28.56 -13.31 12.29
CA TYR C 206 29.72 -12.49 12.02
C TYR C 206 31.10 -12.97 12.44
N ASP C 207 31.45 -12.88 13.72
CA ASP C 207 32.84 -13.22 13.96
C ASP C 207 33.48 -14.08 15.00
N ASP C 208 33.35 -13.84 16.30
CA ASP C 208 34.31 -14.61 17.00
C ASP C 208 34.35 -15.59 18.11
N ILE C 209 35.60 -16.05 18.13
CA ILE C 209 36.25 -17.02 18.95
C ILE C 209 35.93 -16.92 20.43
N GLU C 210 35.74 -15.71 20.92
CA GLU C 210 35.46 -15.46 22.35
C GLU C 210 34.08 -15.91 22.75
N PHE C 211 33.15 -15.12 22.26
CA PHE C 211 31.74 -15.29 22.47
C PHE C 211 31.31 -16.68 22.03
N ARG C 212 31.78 -17.08 20.86
CA ARG C 212 31.46 -18.40 20.28
C ARG C 212 31.73 -19.57 21.23
N VAL C 213 32.99 -19.71 21.63
CA VAL C 213 33.38 -20.78 22.52
C VAL C 213 32.71 -20.64 23.87
N ASN C 214 33.14 -19.59 24.57
CA ASN C 214 32.66 -19.23 25.88
C ASN C 214 31.22 -19.70 26.11
N LYS C 215 30.35 -19.33 25.18
CA LYS C 215 28.94 -19.66 25.28
C LYS C 215 28.63 -21.15 25.21
N LEU C 216 29.12 -21.84 24.19
CA LEU C 216 28.82 -23.27 24.09
C LEU C 216 29.39 -23.99 25.31
N GLU C 217 30.31 -23.33 26.00
CA GLU C 217 30.93 -23.89 27.19
C GLU C 217 29.92 -23.95 28.33
N ARG C 218 29.34 -22.79 28.66
CA ARG C 218 28.37 -22.73 29.74
C ARG C 218 27.28 -23.79 29.52
N GLN C 219 27.03 -24.12 28.26
CA GLN C 219 26.04 -25.14 27.92
C GLN C 219 26.48 -26.50 28.43
N ILE C 220 27.80 -26.70 28.47
CA ILE C 220 28.39 -27.95 28.94
C ILE C 220 28.21 -28.06 30.44
N LYS C 221 28.87 -27.16 31.17
CA LYS C 221 28.82 -27.13 32.61
C LYS C 221 27.37 -27.16 33.12
N SER C 222 26.51 -26.34 32.53
CA SER C 222 25.12 -26.26 32.94
C SER C 222 24.34 -27.53 32.67
N ILE C 223 24.03 -27.77 31.40
CA ILE C 223 23.26 -28.94 31.02
C ILE C 223 24.11 -30.21 31.06
N LEU C 224 24.95 -30.31 32.09
CA LEU C 224 25.81 -31.48 32.29
C LEU C 224 26.51 -31.38 33.64
N ALA D 1 32.15 -53.33 2.77
CA ALA D 1 33.49 -53.28 2.14
C ALA D 1 33.34 -52.67 0.76
N SER D 2 34.44 -52.16 0.21
CA SER D 2 34.42 -51.52 -1.10
C SER D 2 33.73 -50.16 -0.95
N GLU D 3 34.52 -49.12 -0.82
CA GLU D 3 33.99 -47.78 -0.67
C GLU D 3 33.00 -47.51 -1.81
N LYS D 4 33.31 -48.01 -2.99
CA LYS D 4 32.43 -47.81 -4.13
C LYS D 4 31.06 -48.38 -3.78
N GLU D 5 31.05 -49.58 -3.23
CA GLU D 5 29.80 -50.24 -2.86
C GLU D 5 29.04 -49.48 -1.77
N GLU D 6 29.75 -49.06 -0.73
CA GLU D 6 29.14 -48.33 0.36
C GLU D 6 28.37 -47.10 -0.12
N ILE D 7 28.93 -46.42 -1.12
CA ILE D 7 28.30 -45.24 -1.68
C ILE D 7 27.08 -45.65 -2.51
N LEU D 8 27.27 -46.63 -3.39
CA LEU D 8 26.18 -47.11 -4.25
C LEU D 8 24.94 -47.46 -3.42
N ARG D 9 25.14 -48.23 -2.37
CA ARG D 9 24.06 -48.65 -1.48
C ARG D 9 23.19 -47.47 -1.07
N LYS D 10 23.81 -46.39 -0.64
CA LYS D 10 23.10 -45.19 -0.19
C LYS D 10 22.30 -44.40 -1.25
N ILE D 11 22.69 -44.49 -2.52
CA ILE D 11 21.98 -43.76 -3.57
C ILE D 11 20.50 -44.14 -3.59
N LYS D 12 19.61 -43.15 -3.53
CA LYS D 12 18.16 -43.40 -3.54
C LYS D 12 17.55 -43.12 -4.92
N THR D 13 18.31 -42.48 -5.79
CA THR D 13 17.87 -42.17 -7.14
C THR D 13 18.30 -43.32 -8.05
N GLN D 14 17.35 -44.18 -8.38
CA GLN D 14 17.61 -45.34 -9.23
C GLN D 14 18.52 -45.03 -10.40
N GLU D 15 18.16 -44.03 -11.18
CA GLU D 15 18.96 -43.65 -12.35
C GLU D 15 20.37 -43.24 -11.99
N LEU D 16 20.51 -42.47 -10.91
CA LEU D 16 21.82 -42.03 -10.46
C LEU D 16 22.67 -43.28 -10.14
N ALA D 17 22.06 -44.25 -9.45
CA ALA D 17 22.75 -45.48 -9.10
C ALA D 17 23.33 -46.10 -10.37
N GLU D 18 22.51 -46.15 -11.41
CA GLU D 18 22.94 -46.72 -12.68
C GLU D 18 24.12 -45.95 -13.27
N ALA D 19 23.99 -44.62 -13.34
CA ALA D 19 25.06 -43.80 -13.89
C ALA D 19 26.34 -43.99 -13.09
N PHE D 20 26.20 -44.03 -11.76
CA PHE D 20 27.34 -44.19 -10.88
C PHE D 20 28.08 -45.48 -11.21
N ASN D 21 27.31 -46.51 -11.53
CA ASN D 21 27.87 -47.82 -11.86
C ASN D 21 28.48 -47.87 -13.25
N LYS D 22 28.00 -47.00 -14.14
CA LYS D 22 28.48 -46.98 -15.50
C LYS D 22 29.58 -45.98 -15.83
N VAL D 23 29.68 -44.87 -15.12
CA VAL D 23 30.73 -43.91 -15.43
C VAL D 23 32.01 -44.12 -14.62
N ASP D 24 33.07 -44.51 -15.31
CA ASP D 24 34.33 -44.79 -14.65
C ASP D 24 35.10 -43.52 -14.30
N ARG D 25 34.94 -43.10 -13.05
CA ARG D 25 35.56 -41.91 -12.53
C ARG D 25 37.06 -41.85 -12.82
N SER D 26 37.74 -42.98 -12.73
CA SER D 26 39.18 -42.99 -12.94
C SER D 26 39.61 -42.32 -14.23
N LEU D 27 38.72 -42.36 -15.22
CA LEU D 27 39.00 -41.77 -16.52
C LEU D 27 39.11 -40.27 -16.39
N PHE D 28 38.45 -39.71 -15.38
CA PHE D 28 38.45 -38.27 -15.18
C PHE D 28 39.61 -37.71 -14.38
N LEU D 29 40.30 -38.58 -13.64
CA LEU D 29 41.43 -38.16 -12.82
C LEU D 29 42.81 -38.29 -13.47
N PRO D 30 43.71 -37.34 -13.18
CA PRO D 30 45.07 -37.34 -13.73
C PRO D 30 45.83 -38.60 -13.33
N GLU D 31 46.98 -38.85 -13.97
CA GLU D 31 47.76 -40.04 -13.68
C GLU D 31 48.16 -40.16 -12.20
N ASN D 32 48.41 -39.02 -11.56
CA ASN D 32 48.80 -39.02 -10.16
C ASN D 32 47.64 -39.25 -9.21
N LEU D 33 46.41 -39.37 -9.74
CA LEU D 33 45.25 -39.55 -8.86
C LEU D 33 44.35 -40.70 -9.22
N LYS D 34 44.80 -41.59 -10.09
CA LYS D 34 43.94 -42.71 -10.48
C LYS D 34 43.55 -43.61 -9.32
N ASP D 35 44.45 -43.79 -8.36
CA ASP D 35 44.15 -44.63 -7.20
C ASP D 35 42.92 -44.15 -6.42
N TYR D 36 42.78 -42.83 -6.29
CA TYR D 36 41.67 -42.25 -5.57
C TYR D 36 40.31 -42.35 -6.27
N ALA D 37 40.26 -42.88 -7.47
CA ALA D 37 39.00 -43.02 -8.17
C ALA D 37 37.89 -43.52 -7.23
N TYR D 38 38.16 -44.59 -6.47
CA TYR D 38 37.16 -45.10 -5.55
C TYR D 38 37.77 -45.46 -4.20
N ALA D 39 38.94 -44.88 -3.93
CA ALA D 39 39.61 -45.09 -2.65
C ALA D 39 39.71 -43.71 -2.02
N HIS D 40 39.53 -43.63 -0.70
CA HIS D 40 39.55 -42.36 0.00
C HIS D 40 38.38 -41.53 -0.54
N THR D 41 37.22 -42.16 -0.50
CA THR D 41 35.97 -41.60 -0.95
C THR D 41 35.59 -40.28 -0.32
N HIS D 42 36.10 -40.01 0.87
CA HIS D 42 35.77 -38.81 1.62
C HIS D 42 36.71 -37.66 1.41
N GLU D 43 37.69 -37.81 0.53
CA GLU D 43 38.63 -36.73 0.30
C GLU D 43 38.41 -35.94 -0.97
N ALA D 44 38.73 -34.67 -0.91
CA ALA D 44 38.65 -33.83 -2.10
C ALA D 44 40.04 -34.06 -2.76
N LEU D 45 40.12 -33.97 -4.09
CA LEU D 45 41.38 -34.20 -4.79
C LEU D 45 41.90 -32.98 -5.52
N PRO D 46 43.19 -32.69 -5.39
CA PRO D 46 43.85 -31.54 -6.02
C PRO D 46 43.81 -31.68 -7.51
N ILE D 47 43.52 -30.59 -8.22
CA ILE D 47 43.49 -30.60 -9.67
C ILE D 47 44.20 -29.35 -10.17
N LEU D 48 44.13 -28.28 -9.39
CA LEU D 48 44.80 -27.05 -9.75
C LEU D 48 45.10 -26.27 -8.51
N PRO D 49 46.01 -25.30 -8.61
CA PRO D 49 46.35 -24.48 -7.44
C PRO D 49 45.07 -23.87 -6.84
N GLY D 50 44.56 -24.47 -5.77
CA GLY D 50 43.37 -23.95 -5.14
C GLY D 50 42.07 -24.64 -5.50
N ILE D 51 42.03 -25.31 -6.64
CA ILE D 51 40.81 -25.99 -7.08
C ILE D 51 40.86 -27.50 -6.83
N ASN D 52 39.84 -28.02 -6.14
CA ASN D 52 39.73 -29.46 -5.84
C ASN D 52 38.49 -30.03 -6.46
N THR D 53 38.35 -31.36 -6.42
CA THR D 53 37.16 -32.00 -6.94
C THR D 53 36.39 -32.35 -5.69
N THR D 54 35.07 -32.31 -5.74
CA THR D 54 34.32 -32.64 -4.56
C THR D 54 34.44 -34.10 -4.18
N ALA D 55 34.62 -34.36 -2.89
CA ALA D 55 34.72 -35.72 -2.39
C ALA D 55 33.58 -36.57 -2.95
N LEU D 56 33.94 -37.74 -3.47
CA LEU D 56 32.94 -38.61 -4.07
C LEU D 56 31.70 -38.76 -3.20
N ASN D 57 31.85 -39.25 -1.98
CA ASN D 57 30.70 -39.47 -1.11
C ASN D 57 29.77 -38.27 -1.00
N LEU D 58 30.34 -37.08 -0.89
CA LEU D 58 29.54 -35.88 -0.76
C LEU D 58 28.83 -35.58 -2.09
N GLY D 59 29.59 -35.72 -3.16
CA GLY D 59 29.08 -35.46 -4.50
C GLY D 59 27.92 -36.34 -4.90
N ILE D 60 28.02 -37.64 -4.67
CA ILE D 60 26.92 -38.50 -5.06
C ILE D 60 25.74 -38.13 -4.20
N PHE D 61 26.00 -37.80 -2.95
CA PHE D 61 24.93 -37.41 -2.04
C PHE D 61 24.16 -36.21 -2.59
N MSE D 62 24.92 -35.17 -2.95
CA MSE D 62 24.33 -33.95 -3.48
C MSE D 62 23.58 -34.22 -4.75
O MSE D 62 22.46 -33.75 -4.91
CB MSE D 62 25.41 -32.90 -3.73
CG MSE D 62 26.10 -32.48 -2.46
SE MSE D 62 27.35 -31.04 -2.78
CE MSE D 62 28.95 -32.11 -2.87
N LEU D 63 24.19 -34.99 -5.65
CA LEU D 63 23.54 -35.32 -6.92
C LEU D 63 22.31 -36.14 -6.64
N ASP D 64 22.30 -36.77 -5.48
CA ASP D 64 21.16 -37.58 -5.13
C ASP D 64 20.06 -36.70 -4.60
N GLU D 65 20.44 -35.74 -3.76
CA GLU D 65 19.47 -34.82 -3.19
C GLU D 65 18.82 -34.02 -4.30
N LEU D 66 19.56 -33.82 -5.39
CA LEU D 66 19.11 -33.06 -6.54
C LEU D 66 17.84 -33.58 -7.17
N ASP D 67 17.55 -34.86 -6.94
CA ASP D 67 16.37 -35.50 -7.51
C ASP D 67 16.38 -35.41 -9.04
N LEU D 68 17.44 -35.92 -9.66
CA LEU D 68 17.59 -35.91 -11.13
C LEU D 68 16.74 -36.97 -11.83
N HIS D 69 16.10 -36.56 -12.92
CA HIS D 69 15.26 -37.46 -13.72
C HIS D 69 15.50 -37.28 -15.21
N LYS D 70 15.00 -38.22 -16.00
CA LYS D 70 15.13 -38.14 -17.44
C LYS D 70 14.33 -36.98 -18.01
N GLY D 71 14.90 -36.30 -19.00
CA GLY D 71 14.22 -35.19 -19.62
C GLY D 71 14.42 -33.82 -19.01
N GLN D 72 14.90 -33.76 -17.77
CA GLN D 72 15.12 -32.47 -17.13
C GLN D 72 16.21 -31.70 -17.86
N LYS D 73 16.33 -30.42 -17.53
CA LYS D 73 17.35 -29.54 -18.09
C LYS D 73 18.05 -29.01 -16.86
N VAL D 74 19.30 -29.41 -16.68
CA VAL D 74 20.05 -29.01 -15.51
C VAL D 74 21.15 -27.99 -15.77
N LEU D 75 21.33 -27.07 -14.81
CA LEU D 75 22.36 -26.04 -14.91
C LEU D 75 23.41 -26.42 -13.86
N GLU D 76 24.64 -26.59 -14.27
CA GLU D 76 25.70 -26.95 -13.36
C GLU D 76 26.77 -25.85 -13.30
N ILE D 77 26.97 -25.33 -12.09
CA ILE D 77 27.94 -24.27 -11.85
C ILE D 77 29.23 -24.83 -11.27
N GLY D 78 30.29 -24.77 -12.06
CA GLY D 78 31.59 -25.30 -11.66
C GLY D 78 31.81 -26.67 -12.27
N THR D 79 32.00 -26.71 -13.58
CA THR D 79 32.22 -27.96 -14.30
C THR D 79 33.35 -28.77 -13.66
N GLY D 80 34.52 -28.16 -13.59
CA GLY D 80 35.66 -28.83 -12.99
C GLY D 80 36.22 -29.96 -13.81
N ILE D 81 36.28 -31.13 -13.18
CA ILE D 81 36.82 -32.35 -13.79
C ILE D 81 35.92 -33.01 -14.82
N GLY D 82 34.62 -32.71 -14.78
CA GLY D 82 33.68 -33.28 -15.72
C GLY D 82 32.94 -34.51 -15.23
N TYR D 83 33.53 -35.24 -14.29
CA TYR D 83 32.91 -36.45 -13.77
C TYR D 83 31.46 -36.30 -13.35
N TYR D 84 31.16 -35.31 -12.51
CA TYR D 84 29.77 -35.12 -12.06
C TYR D 84 28.84 -34.68 -13.18
N THR D 85 29.37 -33.86 -14.09
CA THR D 85 28.62 -33.38 -15.26
C THR D 85 28.14 -34.62 -16.05
N ALA D 86 29.11 -35.48 -16.36
CA ALA D 86 28.87 -36.71 -17.11
C ALA D 86 27.80 -37.58 -16.46
N LEU D 87 27.83 -37.71 -15.13
CA LEU D 87 26.84 -38.50 -14.40
C LEU D 87 25.46 -37.90 -14.60
N ILE D 88 25.40 -36.58 -14.77
CA ILE D 88 24.12 -35.92 -14.97
C ILE D 88 23.67 -36.08 -16.42
N ALA D 89 24.61 -35.90 -17.34
CA ALA D 89 24.33 -36.05 -18.77
C ALA D 89 23.78 -37.45 -19.10
N GLU D 90 24.05 -38.41 -18.21
CA GLU D 90 23.62 -39.80 -18.35
C GLU D 90 22.19 -40.03 -17.87
N ILE D 91 21.61 -39.06 -17.17
CA ILE D 91 20.27 -39.24 -16.63
C ILE D 91 19.31 -38.25 -17.24
N VAL D 92 19.80 -37.05 -17.39
CA VAL D 92 19.00 -35.94 -17.88
C VAL D 92 18.97 -35.79 -19.41
N ASP D 93 18.06 -34.95 -19.87
CA ASP D 93 17.91 -34.64 -21.28
C ASP D 93 19.14 -33.83 -21.73
N LYS D 94 19.19 -32.57 -21.30
CA LYS D 94 20.31 -31.70 -21.62
C LYS D 94 20.89 -31.04 -20.33
N VAL D 95 22.16 -30.67 -20.42
CA VAL D 95 22.86 -30.08 -19.29
C VAL D 95 23.68 -28.87 -19.70
N VAL D 96 23.65 -27.82 -18.89
CA VAL D 96 24.47 -26.66 -19.17
C VAL D 96 25.39 -26.56 -17.98
N SER D 97 26.69 -26.54 -18.24
CA SER D 97 27.70 -26.47 -17.20
C SER D 97 28.66 -25.30 -17.45
N VAL D 98 28.79 -24.44 -16.45
CA VAL D 98 29.66 -23.28 -16.56
C VAL D 98 30.97 -23.49 -15.80
N GLU D 99 32.07 -23.04 -16.37
CA GLU D 99 33.35 -23.17 -15.70
C GLU D 99 34.00 -21.83 -15.91
N ILE D 100 34.65 -21.31 -14.87
CA ILE D 100 35.26 -20.00 -14.99
C ILE D 100 36.74 -20.11 -15.30
N ASN D 101 37.39 -21.18 -14.87
CA ASN D 101 38.82 -21.38 -15.09
C ASN D 101 39.15 -22.05 -16.43
N GLU D 102 39.84 -21.35 -17.32
CA GLU D 102 40.16 -21.92 -18.62
C GLU D 102 40.96 -23.22 -18.61
N LYS D 103 42.01 -23.25 -17.80
CA LYS D 103 42.82 -24.46 -17.71
C LYS D 103 41.89 -25.63 -17.40
N MSE D 104 40.99 -25.45 -16.43
CA MSE D 104 40.02 -26.49 -16.07
C MSE D 104 39.14 -26.82 -17.24
O MSE D 104 38.87 -27.98 -17.51
CB MSE D 104 39.13 -26.02 -14.93
CG MSE D 104 39.61 -26.48 -13.57
SE MSE D 104 39.49 -28.40 -13.43
CE MSE D 104 38.80 -28.56 -11.64
N TYR D 105 38.68 -25.78 -17.93
CA TYR D 105 37.81 -25.90 -19.09
C TYR D 105 38.47 -26.79 -20.14
N ASN D 106 39.73 -26.50 -20.44
CA ASN D 106 40.47 -27.28 -21.41
C ASN D 106 40.65 -28.72 -20.95
N TYR D 107 41.01 -28.91 -19.69
CA TYR D 107 41.20 -30.24 -19.14
C TYR D 107 39.98 -31.15 -19.31
N ALA D 108 38.83 -30.68 -18.85
CA ALA D 108 37.63 -31.50 -18.94
C ALA D 108 37.16 -31.64 -20.36
N SER D 109 37.49 -30.62 -21.16
CA SER D 109 37.09 -30.56 -22.55
C SER D 109 37.10 -31.88 -23.31
N LYS D 110 38.22 -32.59 -23.24
CA LYS D 110 38.41 -33.86 -23.92
C LYS D 110 37.46 -35.00 -23.51
N LEU D 111 37.34 -35.26 -22.20
CA LEU D 111 36.48 -36.35 -21.75
C LEU D 111 34.99 -36.14 -21.94
N LEU D 112 34.54 -34.90 -21.96
CA LEU D 112 33.11 -34.65 -22.13
C LEU D 112 32.71 -34.54 -23.59
N SER D 113 33.56 -35.06 -24.45
CA SER D 113 33.30 -35.05 -25.89
C SER D 113 32.50 -36.27 -26.28
N TYR D 114 32.25 -37.14 -25.30
CA TYR D 114 31.47 -38.36 -25.48
C TYR D 114 29.98 -38.07 -25.40
N TYR D 115 29.64 -36.86 -24.98
CA TYR D 115 28.25 -36.49 -24.83
C TYR D 115 27.94 -35.37 -25.80
N ASN D 116 26.69 -35.29 -26.25
CA ASN D 116 26.32 -34.20 -27.11
C ASN D 116 25.14 -33.49 -26.47
N ASN D 117 24.66 -34.04 -25.35
CA ASN D 117 23.55 -33.45 -24.61
C ASN D 117 24.10 -32.59 -23.46
N ILE D 118 25.29 -32.03 -23.69
CA ILE D 118 25.96 -31.18 -22.73
C ILE D 118 26.53 -29.91 -23.38
N LYS D 119 26.08 -28.73 -22.93
CA LYS D 119 26.61 -27.47 -23.45
C LYS D 119 27.64 -26.98 -22.44
N LEU D 120 28.84 -26.64 -22.88
CA LEU D 120 29.88 -26.21 -21.95
C LEU D 120 30.27 -24.76 -22.12
N ILE D 121 30.07 -23.96 -21.07
CA ILE D 121 30.41 -22.55 -21.12
C ILE D 121 31.65 -22.23 -20.29
N LEU D 122 32.49 -21.38 -20.86
CA LEU D 122 33.70 -20.93 -20.19
C LEU D 122 33.35 -19.50 -19.76
N GLY D 123 32.80 -19.34 -18.55
CA GLY D 123 32.47 -18.02 -18.05
C GLY D 123 32.14 -17.92 -16.56
N ASP D 124 31.74 -16.72 -16.12
CA ASP D 124 31.37 -16.48 -14.74
C ASP D 124 30.12 -17.27 -14.42
N GLY D 125 30.24 -18.34 -13.64
CA GLY D 125 29.07 -19.14 -13.33
C GLY D 125 28.14 -18.55 -12.29
N THR D 126 28.60 -17.47 -11.69
CA THR D 126 27.83 -16.79 -10.67
C THR D 126 26.61 -16.10 -11.33
N LEU D 127 26.67 -15.99 -12.66
CA LEU D 127 25.61 -15.42 -13.49
C LEU D 127 24.72 -16.53 -14.05
N GLY D 128 25.08 -17.79 -13.80
CA GLY D 128 24.33 -18.93 -14.32
C GLY D 128 24.39 -18.85 -15.83
N TYR D 129 23.35 -19.32 -16.51
CA TYR D 129 23.32 -19.22 -17.96
C TYR D 129 21.91 -18.81 -18.37
N GLU D 130 21.76 -17.50 -18.59
CA GLU D 130 20.49 -16.90 -18.95
C GLU D 130 19.76 -17.52 -20.16
N GLU D 131 20.49 -17.72 -21.25
CA GLU D 131 19.97 -18.22 -22.54
C GLU D 131 19.11 -19.47 -22.60
N GLU D 132 19.51 -20.52 -21.90
CA GLU D 132 18.72 -21.73 -21.88
C GLU D 132 17.91 -21.68 -20.61
N LYS D 133 17.58 -20.44 -20.27
CA LYS D 133 16.86 -20.08 -19.07
C LYS D 133 16.12 -21.11 -18.23
N PRO D 134 14.85 -21.46 -18.55
CA PRO D 134 14.27 -22.44 -17.60
C PRO D 134 15.14 -23.66 -17.30
N TYR D 135 15.37 -23.90 -16.01
CA TYR D 135 16.13 -25.08 -15.58
C TYR D 135 15.32 -25.79 -14.52
N ASP D 136 15.33 -27.11 -14.55
CA ASP D 136 14.60 -27.89 -13.55
C ASP D 136 15.39 -28.01 -12.27
N ARG D 137 16.71 -28.12 -12.43
CA ARG D 137 17.64 -28.28 -11.33
C ARG D 137 18.95 -27.54 -11.58
N VAL D 138 19.62 -27.19 -10.46
CA VAL D 138 20.89 -26.49 -10.49
C VAL D 138 21.83 -27.00 -9.38
N VAL D 139 23.10 -27.19 -9.68
CA VAL D 139 24.06 -27.62 -8.65
C VAL D 139 25.25 -26.72 -8.72
N VAL D 140 25.72 -26.33 -7.55
CA VAL D 140 26.89 -25.46 -7.45
C VAL D 140 27.92 -26.17 -6.63
N TRP D 141 29.17 -26.23 -7.11
CA TRP D 141 30.22 -26.93 -6.37
C TRP D 141 31.21 -26.00 -5.69
N ALA D 142 30.72 -24.85 -5.25
CA ALA D 142 31.54 -23.85 -4.60
C ALA D 142 30.64 -23.03 -3.64
N THR D 143 31.16 -22.59 -2.48
CA THR D 143 30.30 -21.80 -1.59
C THR D 143 30.15 -20.40 -2.11
N ALA D 144 29.02 -19.80 -1.79
CA ALA D 144 28.75 -18.44 -2.21
C ALA D 144 28.40 -17.58 -0.99
N PRO D 145 28.57 -16.24 -1.10
CA PRO D 145 28.28 -15.29 -0.02
C PRO D 145 26.82 -15.45 0.50
N THR D 146 25.85 -15.51 -0.42
CA THR D 146 24.42 -15.68 -0.07
C THR D 146 23.92 -16.66 -1.09
N LEU D 147 22.61 -16.61 -1.32
CA LEU D 147 21.95 -17.43 -2.31
C LEU D 147 22.41 -16.83 -3.65
N LEU D 148 22.81 -17.69 -4.58
CA LEU D 148 23.21 -17.24 -5.91
C LEU D 148 21.94 -16.78 -6.66
N CYS D 149 21.77 -15.47 -6.71
CA CYS D 149 20.61 -14.82 -7.33
C CYS D 149 20.26 -15.21 -8.76
N LYS D 150 21.23 -15.12 -9.68
CA LYS D 150 20.97 -15.47 -11.06
C LYS D 150 20.51 -16.92 -11.27
N PRO D 151 21.24 -17.91 -10.72
CA PRO D 151 20.77 -19.28 -10.95
C PRO D 151 19.38 -19.49 -10.37
N TYR D 152 19.09 -18.85 -9.24
CA TYR D 152 17.78 -18.96 -8.60
C TYR D 152 16.67 -18.37 -9.48
N GLU D 153 16.99 -17.31 -10.20
CA GLU D 153 16.02 -16.69 -11.11
C GLU D 153 15.81 -17.65 -12.28
N GLN D 154 16.90 -18.17 -12.81
CA GLN D 154 16.86 -19.09 -13.93
C GLN D 154 16.21 -20.43 -13.61
N LEU D 155 15.86 -20.65 -12.35
CA LEU D 155 15.24 -21.91 -11.97
C LEU D 155 13.74 -21.89 -12.28
N LYS D 156 13.17 -23.01 -12.69
CA LYS D 156 11.73 -23.08 -12.97
C LYS D 156 11.07 -22.93 -11.59
N GLU D 157 9.78 -22.61 -11.57
CA GLU D 157 9.11 -22.40 -10.29
C GLU D 157 9.24 -23.51 -9.25
N GLY D 158 8.94 -24.74 -9.60
CA GLY D 158 9.06 -25.78 -8.59
C GLY D 158 10.48 -26.31 -8.48
N GLY D 159 11.36 -25.72 -9.28
CA GLY D 159 12.76 -26.12 -9.33
C GLY D 159 13.50 -26.35 -8.01
N ILE D 160 14.53 -27.19 -8.06
CA ILE D 160 15.33 -27.47 -6.88
C ILE D 160 16.75 -27.01 -7.14
N MSE D 161 17.36 -26.38 -6.16
CA MSE D 161 18.75 -25.97 -6.28
C MSE D 161 19.51 -26.47 -5.08
O MSE D 161 18.94 -26.65 -4.00
CB MSE D 161 18.91 -24.46 -6.35
CG MSE D 161 20.36 -24.07 -6.55
SE MSE D 161 20.62 -22.16 -6.71
CE MSE D 161 22.12 -22.15 -7.90
N ILE D 162 20.79 -26.76 -5.26
CA ILE D 162 21.59 -27.24 -4.16
C ILE D 162 22.95 -26.59 -4.23
N LEU D 163 23.29 -25.86 -3.18
CA LEU D 163 24.56 -25.16 -3.11
C LEU D 163 25.02 -25.02 -1.70
N PRO D 164 26.29 -24.65 -1.53
CA PRO D 164 26.82 -24.47 -0.19
C PRO D 164 26.83 -22.95 -0.05
N ILE D 165 26.35 -22.45 1.08
CA ILE D 165 26.36 -21.01 1.30
C ILE D 165 27.16 -20.72 2.55
N GLY D 166 27.96 -19.67 2.52
CA GLY D 166 28.72 -19.35 3.70
C GLY D 166 30.06 -18.72 3.47
N VAL D 167 30.51 -18.01 4.48
CA VAL D 167 31.81 -17.40 4.41
C VAL D 167 32.59 -18.25 5.36
N GLY D 168 33.91 -18.17 5.33
CA GLY D 168 34.63 -19.01 6.26
C GLY D 168 34.81 -20.45 5.86
N ARG D 169 35.93 -21.00 6.31
CA ARG D 169 36.36 -22.36 6.02
C ARG D 169 35.31 -23.46 6.18
N VAL D 170 34.18 -23.15 6.80
CA VAL D 170 33.15 -24.17 6.95
C VAL D 170 31.79 -23.60 6.66
N GLN D 171 31.08 -24.21 5.72
CA GLN D 171 29.77 -23.72 5.34
C GLN D 171 28.68 -24.73 5.50
N LYS D 172 27.48 -24.38 5.03
CA LYS D 172 26.33 -25.28 5.10
C LYS D 172 25.84 -25.59 3.69
N LEU D 173 25.39 -26.82 3.50
CA LEU D 173 24.87 -27.28 2.21
C LEU D 173 23.36 -27.14 2.23
N TYR D 174 22.83 -26.22 1.43
CA TYR D 174 21.38 -25.97 1.36
C TYR D 174 20.66 -26.53 0.15
N LYS D 175 19.47 -27.06 0.39
CA LYS D 175 18.61 -27.57 -0.66
C LYS D 175 17.47 -26.53 -0.81
N VAL D 176 17.58 -25.70 -1.83
CA VAL D 176 16.61 -24.65 -2.11
C VAL D 176 15.51 -25.04 -3.09
N ILE D 177 14.25 -24.94 -2.66
CA ILE D 177 13.12 -25.24 -3.55
C ILE D 177 12.44 -23.91 -3.86
N LYS D 178 12.58 -23.47 -5.11
CA LYS D 178 12.05 -22.19 -5.56
C LYS D 178 10.58 -21.95 -5.33
N LYS D 179 10.26 -20.75 -4.84
CA LYS D 179 8.90 -20.31 -4.53
C LYS D 179 8.99 -18.80 -4.50
N GLY D 180 8.86 -18.18 -5.68
CA GLY D 180 8.96 -16.74 -5.76
C GLY D 180 10.17 -16.26 -5.00
N ASN D 181 9.95 -15.36 -4.04
CA ASN D 181 11.04 -14.85 -3.23
C ASN D 181 10.97 -15.37 -1.81
N SER D 182 10.38 -16.54 -1.67
CA SER D 182 10.28 -17.18 -0.37
C SER D 182 10.57 -18.66 -0.60
N PRO D 183 11.83 -18.97 -0.89
CA PRO D 183 12.26 -20.33 -1.15
C PRO D 183 12.37 -21.09 0.16
N SER D 184 12.17 -22.40 0.12
CA SER D 184 12.31 -23.20 1.32
C SER D 184 13.77 -23.58 1.34
N LEU D 185 14.49 -23.26 2.42
CA LEU D 185 15.89 -23.62 2.50
C LEU D 185 16.13 -24.72 3.52
N GLU D 186 16.61 -25.86 3.04
CA GLU D 186 16.89 -26.96 3.94
C GLU D 186 18.38 -27.10 4.14
N ASN D 187 18.77 -27.21 5.41
CA ASN D 187 20.17 -27.38 5.79
C ASN D 187 20.47 -28.89 5.79
N LEU D 188 21.24 -29.32 4.80
CA LEU D 188 21.57 -30.73 4.68
C LEU D 188 22.81 -31.07 5.47
N GLY D 189 23.49 -30.06 5.97
CA GLY D 189 24.67 -30.32 6.76
C GLY D 189 25.81 -29.37 6.47
N GLU D 190 26.85 -29.51 7.28
CA GLU D 190 28.03 -28.68 7.17
C GLU D 190 28.96 -29.26 6.11
N VAL D 191 29.61 -28.39 5.36
CA VAL D 191 30.52 -28.83 4.31
C VAL D 191 31.70 -27.89 4.20
N MSE D 192 32.68 -28.24 3.38
CA MSE D 192 33.86 -27.40 3.17
C MSE D 192 34.17 -27.33 1.69
O MSE D 192 34.66 -28.30 1.12
CB MSE D 192 35.08 -27.95 3.93
CG MSE D 192 35.02 -27.79 5.46
SE MSE D 192 36.52 -28.55 6.52
CE MSE D 192 35.64 -30.15 7.18
N PHE D 193 33.86 -26.21 1.05
CA PHE D 193 34.10 -26.03 -0.38
C PHE D 193 34.96 -24.82 -0.55
N GLY D 194 35.61 -24.74 -1.69
CA GLY D 194 36.44 -23.59 -2.01
C GLY D 194 35.46 -22.50 -2.35
N ARG D 195 35.95 -21.28 -2.49
CA ARG D 195 35.06 -20.16 -2.76
C ARG D 195 34.78 -19.91 -4.21
N ILE D 196 33.50 -19.72 -4.53
CA ILE D 196 33.08 -19.43 -5.90
C ILE D 196 33.58 -18.06 -6.29
N GLY D 197 33.99 -17.89 -7.54
CA GLY D 197 34.50 -16.63 -7.99
C GLY D 197 33.50 -16.01 -8.92
N GLY D 198 33.68 -14.75 -9.28
CA GLY D 198 32.73 -14.09 -10.18
C GLY D 198 32.04 -12.87 -9.58
N LEU D 199 31.18 -12.24 -10.38
CA LEU D 199 30.45 -11.04 -9.99
C LEU D 199 29.75 -11.12 -8.63
N TYR D 200 29.08 -12.24 -8.38
CA TYR D 200 28.37 -12.39 -7.13
C TYR D 200 29.08 -13.38 -6.20
N GLY D 201 30.41 -13.26 -6.23
CA GLY D 201 31.23 -14.11 -5.39
C GLY D 201 31.74 -13.31 -4.20
N PHE D 202 32.96 -13.61 -3.77
CA PHE D 202 33.54 -12.92 -2.63
C PHE D 202 34.37 -11.71 -3.04
N TYR D 203 34.33 -10.66 -2.20
CA TYR D 203 35.06 -9.40 -2.42
C TYR D 203 36.05 -9.11 -1.30
N ASP D 204 36.13 -10.03 -0.36
CA ASP D 204 37.06 -9.92 0.76
C ASP D 204 37.53 -11.34 1.18
N ASP D 205 38.70 -11.43 1.79
CA ASP D 205 39.24 -12.74 2.19
C ASP D 205 38.69 -13.36 3.45
N TYR D 206 39.01 -14.63 3.67
CA TYR D 206 38.52 -15.36 4.83
C TYR D 206 38.71 -14.54 6.10
N ASP D 207 37.62 -13.93 6.55
CA ASP D 207 37.64 -13.08 7.73
C ASP D 207 37.34 -13.79 9.04
N ASP D 208 38.36 -14.40 9.61
CA ASP D 208 38.22 -15.07 10.90
C ASP D 208 39.56 -15.10 11.60
N ILE D 209 39.53 -14.78 12.89
CA ILE D 209 40.69 -14.72 13.77
C ILE D 209 41.99 -15.27 13.15
N GLU D 210 41.95 -16.52 12.71
CA GLU D 210 43.10 -17.16 12.09
C GLU D 210 43.64 -16.24 10.99
N PHE D 211 43.08 -16.42 9.79
CA PHE D 211 43.42 -15.67 8.59
C PHE D 211 43.81 -14.23 8.89
N ARG D 212 42.96 -13.51 9.60
CA ARG D 212 43.23 -12.11 9.95
C ARG D 212 44.64 -11.98 10.54
N VAL D 213 45.00 -12.95 11.39
CA VAL D 213 46.31 -12.97 12.05
C VAL D 213 47.50 -13.19 11.12
N ASN D 214 47.41 -14.18 10.22
CA ASN D 214 48.48 -14.45 9.26
C ASN D 214 48.66 -13.16 8.48
N LYS D 215 47.53 -12.52 8.20
CA LYS D 215 47.53 -11.26 7.45
C LYS D 215 48.24 -10.16 8.22
N LEU D 216 48.11 -10.18 9.54
CA LEU D 216 48.79 -9.16 10.34
C LEU D 216 50.27 -9.50 10.34
N GLU D 217 50.60 -10.78 10.51
CA GLU D 217 51.98 -11.22 10.54
C GLU D 217 52.75 -10.86 9.28
N ARG D 218 52.09 -10.95 8.12
CA ARG D 218 52.78 -10.61 6.88
C ARG D 218 53.08 -9.13 6.79
N GLN D 219 52.03 -8.30 6.84
CA GLN D 219 52.22 -6.86 6.77
C GLN D 219 53.33 -6.45 7.73
N ILE D 220 53.28 -6.96 8.96
CA ILE D 220 54.30 -6.60 9.93
C ILE D 220 55.65 -7.06 9.44
N LYS D 221 55.71 -8.22 8.78
CA LYS D 221 57.00 -8.66 8.29
C LYS D 221 57.53 -7.70 7.23
N SER D 222 56.68 -6.75 6.85
CA SER D 222 57.09 -5.75 5.87
C SER D 222 57.83 -4.61 6.57
N ILE D 223 58.27 -4.89 7.80
CA ILE D 223 59.02 -3.93 8.59
C ILE D 223 60.34 -3.75 7.87
N LEU D 224 60.36 -4.18 6.62
CA LEU D 224 61.53 -4.08 5.78
C LEU D 224 61.91 -2.61 5.57
#